data_8HS2
#
_entry.id   8HS2
#
_cell.length_a   1.00
_cell.length_b   1.00
_cell.length_c   1.00
_cell.angle_alpha   90.00
_cell.angle_beta   90.00
_cell.angle_gamma   90.00
#
_symmetry.space_group_name_H-M   'P 1'
#
loop_
_entity.id
_entity.type
_entity.pdbx_description
1 polymer 'heavy chain of Fab046'
2 polymer 'Light chain of Fab046'
3 polymer 'Soluble cytochrome b562,G-protein coupled receptor 20'
#
loop_
_entity_poly.entity_id
_entity_poly.type
_entity_poly.pdbx_seq_one_letter_code
_entity_poly.pdbx_strand_id
1 'polypeptide(L)'
;MEWNWVFLFLLSVTAEVHSQVQLQQSGAELAKPGSSVKISCKASGYTFTSYYISWIKQTTGQGLKYIGFINPGSGHTNYN
EKFKGKATLTVDKSSSTAFMQLSSLTPDDSAIYYCARGAGGFLRIITKFDYWGQGVMVTVSSAQTTAPSVYPLAPGCGDT
TSSTVTLGCLVKGYFPEPVTVTWNSGALSSDVHTFPAVLQSGLYTLTSSVTSSTWPSQTVTCNVAHPASSTKVDKKVGGS
GHHHHHH
;
B
2 'polypeptide(L)'
;METDRLLLWVLLLWVPGSTGDTVLTQSPALAVSLGQRVTISCRASKSVSTYIHWYQQRSGQQPKLLIYSASNLESGVPSR
FSGSGSGTDFTLTIDPVEPDDIANYYCQQINELPYTFGAGTKLELKRADAAPTVSIFPPSTERLATGGASVVCLMNNFYP
RDISVKWKIDGTERRDGVLDSVTDQDSKDSTYSMSSTLSLTKADYESHNLYTCEVVHKTSSSPVVKSFNRNEC
;
C
3 'polypeptide(L)'
;MKTIIALSYIFCLVFADYKDDDDAGRAADLEDNWETLNDNLKVIEKADNAAQVKDALTKMRAAALDAQKATPPKLEDKSP
DSPEMKDFRHGFDILVGQIDDALKLANEGKVKEAQAAAEQLKTTRNAYIQKYLMPSVSPAGPSAGAVPNATAVTTVRTNA
SGLEVPLFHLFARLDEELHGTFPGLWLALMAVHGAIFLAGLVLNGLALYVFCCRTRAKTPSVIYTINLVVTDLLVGLSLP
TRFAVYYGARGCLRCAFPHVLGYFLNMHCSIWFLTCICVDRYLAIVRPEGSRRCRQPACARAVCAFVWLAAGAVTLSVLG
VTGSRPCCRVFALTVLEFLLPLLVISVFTGRIMCALSRPGLLHQGRQRRVRAMQLLLTVLIIFLVCFTPFHARQVAVALW
PDMPHHTSLVVYHVAVTLSSLNSCMNPIVYCFVTSGFQATVRGLFGQHGHHHHHHHHHH
;
R
#
# COMPACT_ATOMS: atom_id res chain seq x y z
N SER A 19 4.40 -8.43 25.34
CA SER A 19 5.16 -9.30 24.46
C SER A 19 5.68 -8.53 23.24
N GLN A 20 6.49 -9.21 22.42
CA GLN A 20 7.01 -8.60 21.22
C GLN A 20 5.92 -8.53 20.15
N VAL A 21 6.19 -7.75 19.10
CA VAL A 21 5.20 -7.55 18.05
C VAL A 21 5.08 -8.82 17.23
N GLN A 22 3.84 -9.25 17.00
CA GLN A 22 3.57 -10.45 16.22
C GLN A 22 2.35 -10.20 15.33
N LEU A 23 2.37 -10.83 14.15
CA LEU A 23 1.27 -10.75 13.20
C LEU A 23 0.94 -12.18 12.77
N GLN A 24 0.08 -12.84 13.55
CA GLN A 24 -0.29 -14.21 13.25
C GLN A 24 -1.23 -14.26 12.05
N GLN A 25 -1.25 -15.39 11.37
CA GLN A 25 -2.09 -15.55 10.19
C GLN A 25 -2.72 -16.95 10.21
N SER A 26 -3.76 -17.11 9.41
CA SER A 26 -4.51 -18.36 9.33
C SER A 26 -3.71 -19.41 8.57
N GLY A 27 -4.33 -20.57 8.37
CA GLY A 27 -3.69 -21.66 7.66
C GLY A 27 -3.85 -21.54 6.15
N ALA A 28 -3.32 -22.53 5.45
CA ALA A 28 -3.43 -22.57 4.00
C ALA A 28 -4.87 -22.79 3.57
N GLU A 29 -5.26 -22.14 2.48
CA GLU A 29 -6.63 -22.18 1.99
C GLU A 29 -6.66 -22.71 0.56
N LEU A 30 -7.48 -23.73 0.35
CA LEU A 30 -7.75 -24.27 -0.97
C LEU A 30 -9.15 -23.84 -1.38
N ALA A 31 -9.27 -23.14 -2.50
CA ALA A 31 -10.53 -22.58 -2.93
C ALA A 31 -10.93 -23.17 -4.28
N LYS A 32 -12.04 -22.67 -4.81
CA LYS A 32 -12.57 -23.07 -6.10
C LYS A 32 -12.59 -21.89 -7.04
N PRO A 33 -12.42 -22.10 -8.35
CA PRO A 33 -12.44 -20.97 -9.29
C PRO A 33 -13.81 -20.29 -9.32
N GLY A 34 -13.77 -18.96 -9.34
CA GLY A 34 -14.98 -18.17 -9.32
C GLY A 34 -15.55 -17.91 -7.95
N SER A 35 -14.96 -18.49 -6.90
CA SER A 35 -15.45 -18.29 -5.55
C SER A 35 -14.71 -17.13 -4.89
N SER A 36 -14.89 -16.97 -3.58
CA SER A 36 -14.24 -15.91 -2.83
C SER A 36 -13.64 -16.49 -1.55
N VAL A 37 -12.56 -15.88 -1.08
CA VAL A 37 -11.87 -16.35 0.11
C VAL A 37 -11.56 -15.13 0.99
N LYS A 38 -11.37 -15.39 2.28
CA LYS A 38 -11.04 -14.34 3.24
C LYS A 38 -9.90 -14.81 4.12
N ILE A 39 -8.83 -14.03 4.15
CA ILE A 39 -7.64 -14.36 4.93
C ILE A 39 -7.45 -13.30 6.01
N SER A 40 -7.17 -13.74 7.22
CA SER A 40 -7.12 -12.86 8.39
C SER A 40 -5.70 -12.76 8.92
N CYS A 41 -5.33 -11.56 9.34
CA CYS A 41 -4.04 -11.28 9.96
C CYS A 41 -4.32 -10.65 11.32
N LYS A 42 -3.99 -11.38 12.39
CA LYS A 42 -4.26 -10.94 13.75
C LYS A 42 -2.99 -10.33 14.34
N ALA A 43 -3.08 -9.06 14.73
CA ALA A 43 -1.96 -8.35 15.31
C ALA A 43 -1.96 -8.51 16.82
N SER A 44 -0.76 -8.56 17.40
CA SER A 44 -0.63 -8.69 18.84
C SER A 44 0.68 -8.06 19.30
N GLY A 45 0.64 -7.43 20.47
CA GLY A 45 1.83 -6.86 21.06
C GLY A 45 2.02 -5.37 20.85
N TYR A 46 1.06 -4.68 20.24
CA TYR A 46 1.18 -3.26 19.99
C TYR A 46 -0.22 -2.68 19.78
N THR A 47 -0.30 -1.35 19.83
CA THR A 47 -1.57 -0.66 19.61
C THR A 47 -1.97 -0.81 18.15
N PHE A 48 -3.09 -1.50 17.92
CA PHE A 48 -3.44 -1.92 16.56
C PHE A 48 -3.74 -0.74 15.65
N THR A 49 -4.39 0.29 16.17
CA THR A 49 -4.84 1.39 15.33
C THR A 49 -3.74 2.37 14.97
N SER A 50 -2.53 2.21 15.50
CA SER A 50 -1.47 3.17 15.29
C SER A 50 -0.61 2.86 14.07
N TYR A 51 -0.77 1.71 13.44
CA TYR A 51 0.12 1.29 12.36
C TYR A 51 -0.69 0.72 11.21
N TYR A 52 -0.28 1.04 9.98
CA TYR A 52 -0.94 0.52 8.80
C TYR A 52 -0.73 -0.98 8.68
N ILE A 53 -1.68 -1.66 8.02
CA ILE A 53 -1.54 -3.07 7.70
C ILE A 53 -1.58 -3.20 6.19
N SER A 54 -0.52 -3.74 5.60
CA SER A 54 -0.40 -3.86 4.16
C SER A 54 -0.44 -5.32 3.75
N TRP A 55 -1.07 -5.60 2.61
CA TRP A 55 -1.18 -6.95 2.09
C TRP A 55 -0.39 -7.04 0.79
N ILE A 56 0.47 -8.06 0.70
CA ILE A 56 1.43 -8.23 -0.38
C ILE A 56 1.37 -9.66 -0.88
N LYS A 57 1.47 -9.84 -2.20
CA LYS A 57 1.42 -11.12 -2.87
C LYS A 57 2.83 -11.65 -3.14
N GLN A 58 2.93 -12.97 -3.33
CA GLN A 58 4.15 -13.57 -3.85
C GLN A 58 3.78 -14.86 -4.57
N THR A 59 4.10 -14.93 -5.86
CA THR A 59 3.96 -16.15 -6.64
C THR A 59 5.31 -16.84 -6.75
N THR A 60 5.27 -18.13 -7.10
CA THR A 60 6.50 -18.87 -7.26
C THR A 60 7.26 -18.45 -8.51
N GLY A 61 6.55 -18.26 -9.62
CA GLY A 61 7.21 -17.89 -10.86
C GLY A 61 7.74 -16.47 -10.84
N GLN A 62 6.91 -15.52 -10.45
CA GLN A 62 7.29 -14.12 -10.41
C GLN A 62 7.82 -13.76 -9.02
N GLY A 63 8.04 -12.48 -8.79
CA GLY A 63 8.46 -11.98 -7.50
C GLY A 63 7.29 -11.50 -6.67
N LEU A 64 7.62 -10.72 -5.65
CA LEU A 64 6.60 -10.18 -4.77
C LEU A 64 5.82 -9.06 -5.49
N LYS A 65 4.53 -8.99 -5.19
CA LYS A 65 3.65 -7.97 -5.77
C LYS A 65 2.81 -7.36 -4.66
N TYR A 66 2.79 -6.04 -4.59
CA TYR A 66 2.09 -5.33 -3.53
C TYR A 66 0.62 -5.18 -3.87
N ILE A 67 -0.25 -5.62 -2.97
CA ILE A 67 -1.70 -5.57 -3.22
C ILE A 67 -2.30 -4.27 -2.70
N GLY A 68 -2.05 -3.94 -1.43
CA GLY A 68 -2.64 -2.72 -0.90
C GLY A 68 -2.27 -2.52 0.55
N PHE A 69 -2.92 -1.53 1.16
CA PHE A 69 -2.80 -1.35 2.61
C PHE A 69 -4.07 -0.67 3.13
N ILE A 70 -4.20 -0.69 4.46
CA ILE A 70 -5.36 -0.14 5.14
C ILE A 70 -4.92 0.40 6.49
N ASN A 71 -5.43 1.57 6.84
CA ASN A 71 -5.25 2.12 8.18
C ASN A 71 -6.36 1.60 9.08
N PRO A 72 -6.06 0.81 10.12
CA PRO A 72 -7.11 0.29 10.98
C PRO A 72 -7.89 1.37 11.71
N GLY A 73 -7.25 2.49 12.03
CA GLY A 73 -7.93 3.54 12.77
C GLY A 73 -8.90 4.34 11.92
N SER A 74 -8.39 5.04 10.91
CA SER A 74 -9.23 5.90 10.09
C SER A 74 -10.01 5.14 9.03
N GLY A 75 -9.67 3.88 8.76
CA GLY A 75 -10.37 3.11 7.77
C GLY A 75 -9.99 3.41 6.33
N HIS A 76 -8.99 4.26 6.11
CA HIS A 76 -8.59 4.61 4.75
C HIS A 76 -7.81 3.47 4.13
N THR A 77 -8.21 3.06 2.93
CA THR A 77 -7.60 1.95 2.23
C THR A 77 -7.01 2.44 0.90
N ASN A 78 -5.95 1.77 0.47
CA ASN A 78 -5.38 2.00 -0.85
C ASN A 78 -5.08 0.66 -1.50
N TYR A 79 -5.31 0.57 -2.80
CA TYR A 79 -5.15 -0.67 -3.55
C TYR A 79 -4.22 -0.46 -4.72
N ASN A 80 -3.53 -1.52 -5.12
CA ASN A 80 -2.82 -1.52 -6.38
C ASN A 80 -3.82 -1.47 -7.53
N GLU A 81 -3.37 -0.93 -8.66
CA GLU A 81 -4.25 -0.78 -9.82
C GLU A 81 -4.65 -2.14 -10.38
N LYS A 82 -3.73 -3.11 -10.36
CA LYS A 82 -4.06 -4.44 -10.87
C LYS A 82 -5.05 -5.16 -9.96
N PHE A 83 -4.92 -4.97 -8.66
CA PHE A 83 -5.74 -5.69 -7.69
C PHE A 83 -6.99 -4.93 -7.27
N LYS A 84 -7.24 -3.77 -7.84
CA LYS A 84 -8.45 -3.02 -7.52
C LYS A 84 -9.67 -3.76 -8.07
N GLY A 85 -10.66 -3.98 -7.21
CA GLY A 85 -11.84 -4.75 -7.57
C GLY A 85 -11.69 -6.23 -7.36
N LYS A 86 -10.50 -6.72 -7.00
CA LYS A 86 -10.27 -8.12 -6.68
C LYS A 86 -10.06 -8.34 -5.19
N ALA A 87 -9.24 -7.52 -4.56
CA ALA A 87 -8.99 -7.60 -3.13
C ALA A 87 -9.75 -6.50 -2.40
N THR A 88 -10.27 -6.82 -1.22
CA THR A 88 -10.99 -5.87 -0.38
C THR A 88 -10.47 -5.99 1.05
N LEU A 89 -10.07 -4.87 1.63
CA LEU A 89 -9.45 -4.85 2.96
C LEU A 89 -10.43 -4.30 3.98
N THR A 90 -10.61 -5.03 5.09
CA THR A 90 -11.45 -4.60 6.20
C THR A 90 -10.69 -4.77 7.50
N VAL A 91 -11.19 -4.14 8.55
CA VAL A 91 -10.55 -4.13 9.86
C VAL A 91 -11.60 -4.33 10.94
N ASP A 92 -11.32 -5.23 11.89
CA ASP A 92 -12.11 -5.39 13.11
C ASP A 92 -11.23 -4.96 14.27
N LYS A 93 -11.50 -3.77 14.82
CA LYS A 93 -10.66 -3.20 15.86
C LYS A 93 -10.90 -3.81 17.24
N SER A 94 -12.05 -4.44 17.46
CA SER A 94 -12.34 -5.02 18.77
C SER A 94 -11.40 -6.19 19.07
N SER A 95 -11.23 -7.10 18.10
CA SER A 95 -10.29 -8.19 18.23
C SER A 95 -8.93 -7.86 17.61
N SER A 96 -8.78 -6.67 17.04
CA SER A 96 -7.53 -6.21 16.43
C SER A 96 -7.06 -7.15 15.33
N THR A 97 -7.87 -7.26 14.27
CA THR A 97 -7.59 -8.18 13.19
C THR A 97 -7.92 -7.53 11.85
N ALA A 98 -7.00 -7.64 10.89
CA ALA A 98 -7.24 -7.19 9.54
C ALA A 98 -7.69 -8.37 8.68
N PHE A 99 -8.53 -8.08 7.70
CA PHE A 99 -9.06 -9.11 6.80
C PHE A 99 -8.88 -8.67 5.37
N MET A 100 -8.50 -9.61 4.52
CA MET A 100 -8.42 -9.38 3.07
C MET A 100 -9.28 -10.41 2.37
N GLN A 101 -10.15 -9.93 1.49
CA GLN A 101 -11.08 -10.78 0.76
C GLN A 101 -10.73 -10.78 -0.71
N LEU A 102 -10.54 -11.98 -1.26
CA LEU A 102 -10.33 -12.18 -2.69
C LEU A 102 -11.64 -12.61 -3.32
N SER A 103 -12.06 -11.89 -4.35
CA SER A 103 -13.31 -12.15 -5.05
C SER A 103 -13.03 -12.55 -6.49
N SER A 104 -13.87 -13.45 -7.00
CA SER A 104 -13.76 -13.99 -8.35
C SER A 104 -12.39 -14.64 -8.57
N LEU A 105 -12.14 -15.68 -7.78
CA LEU A 105 -10.83 -16.33 -7.79
C LEU A 105 -10.59 -17.09 -9.09
N THR A 106 -9.38 -16.99 -9.59
CA THR A 106 -8.92 -17.63 -10.82
C THR A 106 -7.61 -18.33 -10.51
N PRO A 107 -7.24 -19.36 -11.28
CA PRO A 107 -5.95 -20.04 -11.04
C PRO A 107 -4.72 -19.14 -11.11
N ASP A 108 -4.85 -17.89 -11.58
CA ASP A 108 -3.75 -16.95 -11.50
C ASP A 108 -3.42 -16.67 -10.03
N ASP A 109 -4.45 -16.49 -9.20
CA ASP A 109 -4.26 -16.07 -7.81
C ASP A 109 -3.70 -17.15 -6.89
N SER A 110 -3.24 -18.32 -7.34
CA SER A 110 -2.64 -19.29 -6.43
C SER A 110 -1.26 -18.79 -6.02
N ALA A 111 -1.17 -18.24 -4.80
CA ALA A 111 0.06 -17.57 -4.37
C ALA A 111 0.06 -17.50 -2.85
N ILE A 112 1.14 -16.94 -2.30
CA ILE A 112 1.30 -16.78 -0.86
C ILE A 112 1.11 -15.30 -0.53
N TYR A 113 0.23 -15.02 0.43
CA TYR A 113 -0.11 -13.67 0.80
C TYR A 113 0.44 -13.34 2.19
N TYR A 114 1.03 -12.16 2.33
CA TYR A 114 1.64 -11.71 3.57
C TYR A 114 0.99 -10.42 4.03
N CYS A 115 0.89 -10.25 5.35
CA CYS A 115 0.49 -9.00 5.97
C CYS A 115 1.70 -8.39 6.64
N ALA A 116 1.92 -7.10 6.41
CA ALA A 116 3.08 -6.39 6.91
C ALA A 116 2.62 -5.19 7.71
N ARG A 117 3.27 -4.99 8.86
CA ARG A 117 2.96 -3.90 9.76
C ARG A 117 3.76 -2.67 9.35
N GLY A 118 3.11 -1.76 8.64
CA GLY A 118 3.79 -0.57 8.14
C GLY A 118 3.67 0.61 9.08
N ALA A 119 4.81 1.10 9.56
CA ALA A 119 4.83 2.25 10.46
C ALA A 119 4.58 3.53 9.69
N GLY A 120 3.89 4.47 10.33
CA GLY A 120 3.65 5.76 9.72
C GLY A 120 4.92 6.57 9.60
N GLY A 121 4.94 7.49 8.63
CA GLY A 121 6.11 8.30 8.37
C GLY A 121 5.73 9.77 8.22
N PHE A 122 6.77 10.60 8.12
CA PHE A 122 6.59 12.03 7.98
C PHE A 122 6.60 12.46 6.52
N LEU A 123 7.70 12.20 5.81
CA LEU A 123 7.80 12.62 4.41
C LEU A 123 6.85 11.82 3.53
N ARG A 124 6.79 10.51 3.72
CA ARG A 124 5.86 9.65 3.02
C ARG A 124 4.85 9.08 4.00
N ILE A 125 3.81 8.45 3.45
CA ILE A 125 2.74 7.92 4.29
C ILE A 125 3.24 6.73 5.12
N ILE A 126 4.10 5.89 4.53
CA ILE A 126 4.69 4.75 5.21
C ILE A 126 6.18 4.76 4.93
N THR A 127 7.00 4.72 5.99
CA THR A 127 8.45 4.76 5.84
C THR A 127 9.13 3.53 6.43
N LYS A 128 8.38 2.51 6.84
CA LYS A 128 8.98 1.34 7.47
C LYS A 128 7.99 0.18 7.38
N PHE A 129 8.53 -1.03 7.32
CA PHE A 129 7.75 -2.25 7.13
C PHE A 129 8.22 -3.35 8.07
N ASP A 130 8.28 -3.03 9.37
CA ASP A 130 8.92 -3.83 10.42
C ASP A 130 8.69 -5.33 10.35
N TYR A 131 7.45 -5.78 10.52
CA TYR A 131 7.15 -7.18 10.74
C TYR A 131 6.20 -7.70 9.66
N TRP A 132 6.35 -8.98 9.35
CA TRP A 132 5.54 -9.64 8.34
C TRP A 132 4.89 -10.88 8.93
N GLY A 133 3.73 -11.24 8.40
CA GLY A 133 3.09 -12.48 8.81
C GLY A 133 3.80 -13.69 8.25
N GLN A 134 3.43 -14.85 8.78
CA GLN A 134 4.07 -16.09 8.33
C GLN A 134 3.64 -16.52 6.94
N GLY A 135 2.62 -15.87 6.37
CA GLY A 135 2.20 -16.17 5.01
C GLY A 135 1.07 -17.19 4.93
N VAL A 136 0.09 -16.92 4.09
CA VAL A 136 -1.01 -17.84 3.85
C VAL A 136 -0.97 -18.26 2.39
N MET A 137 -0.94 -19.57 2.15
CA MET A 137 -0.89 -20.10 0.80
C MET A 137 -2.32 -20.35 0.31
N VAL A 138 -2.72 -19.62 -0.74
CA VAL A 138 -4.03 -19.77 -1.34
C VAL A 138 -3.86 -20.49 -2.66
N THR A 139 -4.49 -21.65 -2.78
CA THR A 139 -4.42 -22.48 -3.98
C THR A 139 -5.80 -22.53 -4.61
N VAL A 140 -5.90 -22.11 -5.87
CA VAL A 140 -7.15 -22.07 -6.61
C VAL A 140 -7.10 -23.18 -7.65
N SER A 141 -7.96 -24.17 -7.51
CA SER A 141 -8.00 -25.29 -8.43
C SER A 141 -9.37 -25.94 -8.36
N SER A 142 -9.92 -26.27 -9.53
CA SER A 142 -11.23 -26.91 -9.60
C SER A 142 -11.17 -28.39 -9.22
N ALA A 143 -9.99 -28.99 -9.18
CA ALA A 143 -9.89 -30.41 -8.88
C ALA A 143 -10.15 -30.66 -7.40
N GLN A 144 -10.63 -31.87 -7.10
CA GLN A 144 -10.86 -32.32 -5.74
C GLN A 144 -9.67 -33.15 -5.26
N THR A 145 -9.71 -33.53 -3.99
CA THR A 145 -8.64 -34.33 -3.42
C THR A 145 -8.65 -35.73 -4.01
N THR A 146 -7.48 -36.21 -4.43
CA THR A 146 -7.36 -37.52 -5.06
C THR A 146 -6.14 -38.23 -4.49
N ALA A 147 -6.28 -39.54 -4.26
CA ALA A 147 -5.18 -40.32 -3.73
C ALA A 147 -4.09 -40.49 -4.78
N PRO A 148 -2.82 -40.48 -4.38
CA PRO A 148 -1.74 -40.68 -5.35
C PRO A 148 -1.68 -42.12 -5.83
N SER A 149 -1.06 -42.29 -7.00
CA SER A 149 -0.84 -43.61 -7.60
C SER A 149 0.68 -43.74 -7.83
N VAL A 150 1.37 -44.31 -6.85
CA VAL A 150 2.82 -44.44 -6.94
C VAL A 150 3.19 -45.48 -7.99
N TYR A 151 4.28 -45.23 -8.70
CA TYR A 151 4.73 -46.08 -9.80
C TYR A 151 6.21 -46.40 -9.60
N PRO A 152 6.52 -47.49 -8.91
CA PRO A 152 7.93 -47.91 -8.79
C PRO A 152 8.49 -48.31 -10.13
N LEU A 153 9.78 -47.99 -10.33
CA LEU A 153 10.44 -48.25 -11.59
C LEU A 153 11.94 -48.34 -11.35
N ALA A 154 12.58 -49.33 -11.99
CA ALA A 154 14.00 -49.58 -11.83
C ALA A 154 14.59 -49.97 -13.18
N PRO A 155 15.88 -49.67 -13.40
CA PRO A 155 16.52 -50.11 -14.64
C PRO A 155 16.65 -51.62 -14.70
N GLY A 156 16.60 -52.16 -15.92
CA GLY A 156 16.69 -53.59 -16.13
C GLY A 156 17.40 -53.96 -17.42
N SER A 162 27.96 -49.40 -12.11
CA SER A 162 28.57 -49.39 -10.79
C SER A 162 27.66 -50.05 -9.76
N SER A 163 28.19 -50.26 -8.55
CA SER A 163 27.38 -50.84 -7.48
C SER A 163 26.26 -49.90 -7.05
N THR A 164 26.56 -48.61 -6.94
CA THR A 164 25.56 -47.61 -6.55
C THR A 164 24.68 -47.32 -7.76
N VAL A 165 23.47 -47.88 -7.75
CA VAL A 165 22.52 -47.72 -8.85
C VAL A 165 21.36 -46.87 -8.36
N THR A 166 20.95 -45.90 -9.17
CA THR A 166 19.82 -45.05 -8.83
C THR A 166 18.53 -45.87 -8.78
N LEU A 167 17.67 -45.54 -7.82
CA LEU A 167 16.37 -46.17 -7.69
C LEU A 167 15.35 -45.12 -7.27
N GLY A 168 14.11 -45.30 -7.69
CA GLY A 168 13.07 -44.34 -7.34
C GLY A 168 11.72 -44.80 -7.85
N CYS A 169 10.70 -44.07 -7.43
CA CYS A 169 9.33 -44.32 -7.85
C CYS A 169 8.71 -43.03 -8.37
N LEU A 170 7.69 -43.19 -9.20
CA LEU A 170 6.96 -42.07 -9.78
C LEU A 170 5.62 -41.95 -9.07
N VAL A 171 5.40 -40.82 -8.42
CA VAL A 171 4.13 -40.52 -7.76
C VAL A 171 3.34 -39.60 -8.68
N LYS A 172 2.24 -40.10 -9.22
CA LYS A 172 1.50 -39.40 -10.26
C LYS A 172 0.04 -39.24 -9.85
N GLY A 173 -0.51 -38.04 -10.11
CA GLY A 173 -1.92 -37.80 -9.94
C GLY A 173 -2.41 -37.75 -8.50
N TYR A 174 -2.01 -36.72 -7.76
CA TYR A 174 -2.48 -36.52 -6.41
C TYR A 174 -2.88 -35.06 -6.21
N PHE A 175 -3.77 -34.83 -5.25
CA PHE A 175 -4.20 -33.50 -4.89
C PHE A 175 -4.66 -33.53 -3.45
N PRO A 176 -4.32 -32.53 -2.63
CA PRO A 176 -3.57 -31.31 -2.94
C PRO A 176 -2.06 -31.48 -2.90
N GLU A 177 -1.35 -30.35 -2.84
CA GLU A 177 0.09 -30.34 -3.00
C GLU A 177 0.86 -31.10 -1.92
N PRO A 178 0.65 -30.90 -0.62
CA PRO A 178 1.60 -31.47 0.36
C PRO A 178 1.49 -32.99 0.44
N VAL A 179 2.64 -33.64 0.26
CA VAL A 179 2.74 -35.09 0.39
C VAL A 179 4.20 -35.41 0.69
N THR A 180 4.42 -36.51 1.42
CA THR A 180 5.75 -36.89 1.86
C THR A 180 6.10 -38.27 1.31
N VAL A 181 7.35 -38.43 0.88
CA VAL A 181 7.88 -39.70 0.41
C VAL A 181 9.02 -40.10 1.34
N THR A 182 9.01 -41.35 1.79
CA THR A 182 9.97 -41.87 2.74
C THR A 182 10.65 -43.09 2.12
N TRP A 183 11.95 -43.25 2.37
CA TRP A 183 12.73 -44.33 1.79
C TRP A 183 13.06 -45.34 2.88
N ASN A 184 12.56 -46.58 2.71
CA ASN A 184 12.81 -47.69 3.62
C ASN A 184 12.38 -47.36 5.05
N SER A 185 11.29 -46.61 5.17
CA SER A 185 10.76 -46.14 6.46
C SER A 185 11.83 -45.38 7.25
N GLY A 186 12.63 -44.59 6.55
CA GLY A 186 13.67 -43.80 7.16
C GLY A 186 15.00 -44.49 7.34
N ALA A 187 15.11 -45.77 6.97
CA ALA A 187 16.37 -46.48 7.11
C ALA A 187 17.42 -45.96 6.15
N LEU A 188 17.01 -45.59 4.93
CA LEU A 188 17.90 -45.08 3.92
C LEU A 188 17.80 -43.56 3.85
N SER A 189 18.93 -42.89 4.00
CA SER A 189 18.97 -41.43 3.95
C SER A 189 20.14 -40.91 3.13
N SER A 190 20.75 -41.74 2.29
CA SER A 190 21.89 -41.34 1.47
C SER A 190 21.38 -40.99 0.08
N ASP A 191 21.54 -39.72 -0.31
CA ASP A 191 21.13 -39.18 -1.60
C ASP A 191 19.62 -39.42 -1.76
N VAL A 192 18.86 -38.70 -0.93
CA VAL A 192 17.41 -38.68 -1.02
C VAL A 192 17.03 -37.37 -1.70
N HIS A 193 16.48 -37.47 -2.90
CA HIS A 193 16.19 -36.30 -3.73
C HIS A 193 14.69 -36.30 -4.04
N THR A 194 13.95 -35.45 -3.34
CA THR A 194 12.53 -35.24 -3.60
C THR A 194 12.41 -33.98 -4.44
N PHE A 195 12.18 -34.16 -5.74
CA PHE A 195 12.13 -33.05 -6.67
C PHE A 195 10.87 -32.22 -6.44
N PRO A 196 10.89 -30.95 -6.82
CA PRO A 196 9.65 -30.16 -6.77
C PRO A 196 8.59 -30.74 -7.70
N ALA A 197 7.34 -30.68 -7.25
CA ALA A 197 6.23 -31.25 -8.00
C ALA A 197 5.69 -30.24 -8.99
N VAL A 198 5.28 -30.72 -10.16
CA VAL A 198 4.71 -29.88 -11.20
C VAL A 198 3.22 -30.21 -11.33
N LEU A 199 2.49 -29.30 -11.93
CA LEU A 199 1.04 -29.40 -12.09
C LEU A 199 0.70 -29.66 -13.55
N GLN A 200 -0.09 -30.69 -13.81
CA GLN A 200 -0.53 -31.00 -15.16
C GLN A 200 -1.95 -31.53 -15.09
N SER A 201 -2.83 -30.94 -15.92
CA SER A 201 -4.27 -31.28 -15.97
C SER A 201 -4.92 -31.14 -14.59
N GLY A 202 -4.48 -30.14 -13.83
CA GLY A 202 -5.05 -29.92 -12.52
C GLY A 202 -4.64 -30.90 -11.45
N LEU A 203 -3.64 -31.73 -11.71
CA LEU A 203 -3.16 -32.71 -10.75
C LEU A 203 -1.63 -32.65 -10.67
N TYR A 204 -1.10 -33.05 -9.54
CA TYR A 204 0.34 -33.00 -9.28
C TYR A 204 0.99 -34.34 -9.54
N THR A 205 2.28 -34.31 -9.89
CA THR A 205 3.08 -35.50 -10.03
C THR A 205 4.41 -35.31 -9.32
N LEU A 206 4.93 -36.40 -8.77
CA LEU A 206 6.13 -36.35 -7.93
C LEU A 206 7.08 -37.47 -8.33
N THR A 207 8.37 -37.20 -8.24
CA THR A 207 9.41 -38.20 -8.49
C THR A 207 10.46 -38.10 -7.40
N SER A 208 10.96 -39.25 -6.95
CA SER A 208 12.01 -39.32 -5.95
C SER A 208 13.08 -40.29 -6.42
N SER A 209 14.29 -40.12 -5.87
CA SER A 209 15.42 -40.95 -6.27
C SER A 209 16.26 -41.30 -5.05
N VAL A 210 16.97 -42.43 -5.14
CA VAL A 210 17.90 -42.86 -4.10
C VAL A 210 18.90 -43.80 -4.75
N THR A 211 20.11 -43.84 -4.20
CA THR A 211 21.16 -44.76 -4.65
C THR A 211 21.43 -45.77 -3.54
N SER A 212 21.37 -47.05 -3.89
CA SER A 212 21.64 -48.13 -2.94
C SER A 212 22.59 -49.13 -3.60
N SER A 213 23.76 -49.31 -3.00
CA SER A 213 24.72 -50.28 -3.50
C SER A 213 24.34 -51.71 -3.16
N THR A 214 23.37 -51.92 -2.27
CA THR A 214 22.93 -53.25 -1.88
C THR A 214 21.86 -53.82 -2.79
N TRP A 215 21.37 -53.04 -3.75
CA TRP A 215 20.39 -53.56 -4.69
C TRP A 215 21.05 -54.56 -5.64
N PRO A 216 20.36 -55.66 -5.98
CA PRO A 216 19.04 -56.08 -5.54
C PRO A 216 19.07 -57.06 -4.36
N SER A 217 20.20 -57.18 -3.67
CA SER A 217 20.27 -58.08 -2.53
C SER A 217 19.38 -57.62 -1.38
N GLN A 218 19.34 -56.31 -1.14
CA GLN A 218 18.47 -55.74 -0.11
C GLN A 218 17.32 -55.01 -0.78
N THR A 219 16.08 -55.42 -0.44
CA THR A 219 14.91 -54.79 -1.01
C THR A 219 14.70 -53.41 -0.42
N VAL A 220 14.27 -52.47 -1.26
CA VAL A 220 13.94 -51.11 -0.84
C VAL A 220 12.45 -50.89 -1.06
N THR A 221 11.85 -50.05 -0.22
CA THR A 221 10.42 -49.77 -0.28
C THR A 221 10.18 -48.29 -0.56
N CYS A 222 9.10 -48.01 -1.27
CA CYS A 222 8.72 -46.64 -1.61
C CYS A 222 7.58 -46.24 -0.70
N ASN A 223 7.93 -45.69 0.47
CA ASN A 223 6.95 -45.29 1.47
C ASN A 223 6.47 -43.87 1.16
N VAL A 224 5.17 -43.74 0.89
CA VAL A 224 4.56 -42.45 0.62
C VAL A 224 3.41 -42.26 1.60
N ALA A 225 3.07 -41.00 1.87
CA ALA A 225 2.02 -40.70 2.83
C ALA A 225 1.35 -39.39 2.42
N HIS A 226 0.09 -39.47 1.99
CA HIS A 226 -0.69 -38.28 1.67
C HIS A 226 -1.45 -37.85 2.92
N PRO A 227 -1.17 -36.67 3.48
CA PRO A 227 -1.86 -36.28 4.71
C PRO A 227 -3.34 -35.99 4.50
N ALA A 228 -3.68 -35.23 3.46
CA ALA A 228 -5.09 -34.89 3.24
C ALA A 228 -5.89 -36.11 2.80
N SER A 229 -5.30 -36.98 2.00
CA SER A 229 -5.98 -38.20 1.58
C SER A 229 -5.91 -39.31 2.61
N SER A 230 -5.07 -39.16 3.65
CA SER A 230 -4.89 -40.15 4.71
C SER A 230 -4.53 -41.52 4.14
N THR A 231 -3.65 -41.53 3.14
CA THR A 231 -3.25 -42.75 2.45
C THR A 231 -1.76 -42.99 2.67
N LYS A 232 -1.42 -44.22 3.05
CA LYS A 232 -0.03 -44.62 3.30
C LYS A 232 0.25 -45.86 2.47
N VAL A 233 1.09 -45.71 1.44
CA VAL A 233 1.39 -46.78 0.49
C VAL A 233 2.88 -47.08 0.53
N ASP A 234 3.22 -48.35 0.67
CA ASP A 234 4.60 -48.82 0.59
C ASP A 234 4.71 -49.76 -0.61
N LYS A 235 5.66 -49.49 -1.49
CA LYS A 235 5.80 -50.26 -2.72
C LYS A 235 7.25 -50.70 -2.91
N LYS A 236 7.44 -51.98 -3.19
CA LYS A 236 8.75 -52.50 -3.55
C LYS A 236 8.99 -52.28 -5.04
N VAL A 237 10.21 -51.85 -5.38
CA VAL A 237 10.53 -51.52 -6.77
C VAL A 237 10.51 -52.77 -7.63
N GLY A 238 11.06 -53.87 -7.14
CA GLY A 238 11.14 -55.10 -7.91
C GLY A 238 12.01 -54.95 -9.14
N GLY A 239 11.44 -55.27 -10.31
CA GLY A 239 12.13 -55.08 -11.56
C GLY A 239 13.07 -56.23 -11.91
N SER A 240 13.64 -56.14 -13.09
CA SER A 240 14.58 -57.15 -13.56
C SER A 240 15.89 -57.07 -12.78
N GLY A 241 16.45 -58.23 -12.47
CA GLY A 241 17.69 -58.29 -11.71
C GLY A 241 17.48 -58.20 -10.21
N ASP B 21 4.85 4.40 -12.66
CA ASP B 21 5.14 3.20 -11.90
C ASP B 21 6.61 2.80 -12.07
N THR B 22 7.33 2.77 -10.96
CA THR B 22 8.76 2.44 -11.00
C THR B 22 8.95 0.96 -11.27
N VAL B 23 9.98 0.64 -12.03
CA VAL B 23 10.37 -0.73 -12.32
C VAL B 23 11.76 -0.95 -11.74
N LEU B 24 11.88 -1.95 -10.86
CA LEU B 24 13.13 -2.25 -10.18
C LEU B 24 13.68 -3.54 -10.73
N THR B 25 14.88 -3.48 -11.32
CA THR B 25 15.55 -4.64 -11.89
C THR B 25 16.77 -4.96 -11.04
N GLN B 26 16.84 -6.20 -10.56
CA GLN B 26 17.92 -6.62 -9.69
C GLN B 26 19.00 -7.35 -10.49
N SER B 27 20.14 -7.55 -9.84
CA SER B 27 21.24 -8.25 -10.46
C SER B 27 20.90 -9.73 -10.66
N PRO B 28 21.48 -10.39 -11.66
CA PRO B 28 21.29 -11.82 -11.80
C PRO B 28 21.90 -12.59 -10.64
N ALA B 29 21.35 -13.77 -10.38
CA ALA B 29 21.83 -14.61 -9.30
C ALA B 29 23.27 -15.02 -9.53
N LEU B 30 24.10 -14.90 -8.49
CA LEU B 30 25.53 -15.15 -8.60
C LEU B 30 25.99 -16.06 -7.47
N ALA B 31 27.06 -16.80 -7.74
CA ALA B 31 27.61 -17.73 -6.77
C ALA B 31 28.47 -16.99 -5.74
N VAL B 32 28.34 -17.40 -4.48
CA VAL B 32 29.10 -16.78 -3.39
C VAL B 32 29.94 -17.87 -2.73
N SER B 33 31.01 -17.43 -2.08
CA SER B 33 31.90 -18.31 -1.34
C SER B 33 31.98 -17.86 0.11
N LEU B 34 32.33 -18.79 0.99
CA LEU B 34 32.35 -18.51 2.41
C LEU B 34 33.45 -17.51 2.76
N GLY B 35 33.06 -16.36 3.29
CA GLY B 35 33.98 -15.38 3.80
C GLY B 35 34.28 -14.21 2.87
N GLN B 36 34.01 -14.35 1.58
CA GLN B 36 34.32 -13.28 0.64
C GLN B 36 33.18 -12.27 0.57
N ARG B 37 33.54 -11.03 0.26
CA ARG B 37 32.56 -9.96 0.14
C ARG B 37 31.63 -10.23 -1.02
N VAL B 38 30.35 -9.88 -0.85
CA VAL B 38 29.39 -9.97 -1.94
C VAL B 38 28.53 -8.71 -1.93
N THR B 39 28.00 -8.37 -3.10
CA THR B 39 27.13 -7.21 -3.25
C THR B 39 25.98 -7.57 -4.18
N ILE B 40 24.83 -6.94 -3.92
CA ILE B 40 23.62 -7.11 -4.71
C ILE B 40 23.20 -5.74 -5.21
N SER B 41 22.98 -5.62 -6.51
CA SER B 41 22.67 -4.34 -7.14
C SER B 41 21.20 -4.30 -7.54
N CYS B 42 20.53 -3.22 -7.16
CA CYS B 42 19.13 -2.98 -7.53
C CYS B 42 19.04 -1.65 -8.23
N ARG B 43 18.57 -1.67 -9.48
CA ARG B 43 18.49 -0.46 -10.29
C ARG B 43 17.03 -0.11 -10.51
N ALA B 44 16.67 1.13 -10.21
CA ALA B 44 15.30 1.59 -10.38
C ALA B 44 15.09 2.17 -11.77
N SER B 45 13.86 2.53 -12.06
CA SER B 45 13.52 3.16 -13.34
C SER B 45 13.54 4.68 -13.23
N LYS B 46 12.73 5.23 -12.33
CA LYS B 46 12.74 6.65 -12.04
C LYS B 46 13.61 6.89 -10.79
N SER B 47 13.54 8.10 -10.26
CA SER B 47 14.35 8.47 -9.10
C SER B 47 13.60 8.14 -7.82
N VAL B 48 14.21 7.32 -6.96
CA VAL B 48 13.76 7.09 -5.60
C VAL B 48 14.88 7.55 -4.68
N SER B 49 14.60 8.55 -3.86
CA SER B 49 15.68 9.25 -3.15
C SER B 49 16.43 8.34 -2.18
N THR B 50 15.80 7.99 -1.07
CA THR B 50 16.25 6.92 -0.17
C THR B 50 14.99 6.25 0.36
N TYR B 51 14.47 5.28 -0.39
CA TYR B 51 13.27 4.59 0.04
C TYR B 51 13.28 3.12 -0.34
N ILE B 52 14.46 2.51 -0.40
CA ILE B 52 14.61 1.11 -0.78
C ILE B 52 14.75 0.27 0.48
N HIS B 53 13.83 -0.67 0.66
CA HIS B 53 13.94 -1.68 1.69
C HIS B 53 14.58 -2.93 1.11
N TRP B 54 15.50 -3.50 1.89
CA TRP B 54 16.24 -4.70 1.53
C TRP B 54 15.84 -5.79 2.51
N TYR B 55 15.20 -6.84 2.00
CA TYR B 55 14.70 -7.96 2.78
C TYR B 55 15.61 -9.17 2.60
N GLN B 56 15.19 -10.28 3.21
CA GLN B 56 15.89 -11.55 3.07
C GLN B 56 14.86 -12.67 3.19
N GLN B 57 14.50 -13.27 2.06
CA GLN B 57 13.55 -14.38 2.02
C GLN B 57 14.34 -15.68 2.06
N ARG B 58 14.25 -16.39 3.18
CA ARG B 58 14.94 -17.66 3.32
C ARG B 58 14.07 -18.77 2.72
N SER B 59 14.50 -20.02 2.90
CA SER B 59 13.78 -21.16 2.35
C SER B 59 12.54 -21.41 3.22
N GLY B 60 11.36 -21.13 2.66
CA GLY B 60 10.12 -21.35 3.38
C GLY B 60 9.95 -20.46 4.59
N GLN B 61 10.25 -19.17 4.47
CA GLN B 61 10.12 -18.23 5.56
C GLN B 61 9.63 -16.89 5.03
N GLN B 62 9.06 -16.09 5.93
CA GLN B 62 8.64 -14.76 5.57
C GLN B 62 9.86 -13.86 5.36
N PRO B 63 9.74 -12.80 4.55
CA PRO B 63 10.85 -11.86 4.40
C PRO B 63 11.14 -11.15 5.71
N LYS B 64 12.43 -10.99 6.01
CA LYS B 64 12.88 -10.27 7.18
C LYS B 64 13.56 -8.98 6.71
N LEU B 65 13.11 -7.85 7.21
CA LEU B 65 13.66 -6.57 6.78
C LEU B 65 15.06 -6.40 7.33
N LEU B 66 16.04 -6.29 6.43
CA LEU B 66 17.43 -6.03 6.81
C LEU B 66 17.74 -4.54 6.78
N ILE B 67 17.47 -3.87 5.67
CA ILE B 67 17.84 -2.47 5.50
C ILE B 67 16.57 -1.67 5.20
N TYR B 68 16.40 -0.56 5.91
CA TYR B 68 15.32 0.38 5.61
C TYR B 68 15.93 1.73 5.26
N SER B 69 15.26 2.43 4.34
CA SER B 69 15.69 3.72 3.79
C SER B 69 17.08 3.62 3.15
N ALA B 70 17.42 2.44 2.64
CA ALA B 70 18.58 2.14 1.81
C ALA B 70 19.92 2.28 2.52
N SER B 71 19.95 2.75 3.77
CA SER B 71 21.22 2.88 4.48
C SER B 71 21.20 2.41 5.92
N ASN B 72 20.05 2.34 6.58
CA ASN B 72 20.00 2.09 8.01
C ASN B 72 19.72 0.63 8.30
N LEU B 73 20.51 0.05 9.21
CA LEU B 73 20.30 -1.33 9.61
C LEU B 73 19.05 -1.46 10.47
N GLU B 74 18.38 -2.59 10.35
CA GLU B 74 17.25 -2.90 11.22
C GLU B 74 17.76 -3.33 12.60
N SER B 75 17.01 -2.97 13.63
CA SER B 75 17.40 -3.29 15.00
C SER B 75 17.23 -4.80 15.22
N GLY B 76 18.33 -5.54 15.15
CA GLY B 76 18.30 -6.97 15.36
C GLY B 76 19.15 -7.74 14.37
N VAL B 77 19.25 -7.25 13.15
CA VAL B 77 20.07 -7.87 12.12
C VAL B 77 21.54 -7.65 12.48
N PRO B 78 22.44 -8.59 12.18
CA PRO B 78 23.86 -8.36 12.44
C PRO B 78 24.41 -7.23 11.58
N SER B 79 25.57 -6.71 12.00
CA SER B 79 26.21 -5.58 11.34
C SER B 79 26.96 -5.96 10.08
N ARG B 80 26.92 -7.25 9.68
CA ARG B 80 27.59 -7.68 8.47
C ARG B 80 26.92 -7.14 7.21
N PHE B 81 25.66 -6.72 7.30
CA PHE B 81 24.94 -6.13 6.18
C PHE B 81 25.18 -4.62 6.14
N SER B 82 25.19 -4.08 4.93
CA SER B 82 25.32 -2.62 4.78
C SER B 82 24.70 -2.18 3.46
N GLY B 83 23.67 -1.34 3.54
CA GLY B 83 23.08 -0.78 2.35
C GLY B 83 23.71 0.54 1.98
N SER B 84 23.67 0.86 0.68
CA SER B 84 24.27 2.09 0.20
C SER B 84 23.61 2.50 -1.12
N GLY B 85 23.79 3.77 -1.46
CA GLY B 85 23.31 4.28 -2.72
C GLY B 85 22.06 5.13 -2.57
N SER B 86 21.88 6.05 -3.52
CA SER B 86 20.70 6.90 -3.56
C SER B 86 20.44 7.31 -5.00
N GLY B 87 19.21 7.71 -5.27
CA GLY B 87 18.84 8.12 -6.61
C GLY B 87 18.27 6.99 -7.45
N THR B 88 19.11 6.37 -8.26
CA THR B 88 18.68 5.30 -9.18
C THR B 88 19.27 3.95 -8.83
N ASP B 89 20.56 3.87 -8.56
CA ASP B 89 21.24 2.61 -8.29
C ASP B 89 21.45 2.44 -6.80
N PHE B 90 21.21 1.22 -6.30
CA PHE B 90 21.37 0.90 -4.90
C PHE B 90 22.13 -0.41 -4.76
N THR B 91 22.89 -0.54 -3.68
CA THR B 91 23.69 -1.72 -3.44
C THR B 91 23.50 -2.20 -2.00
N LEU B 92 23.58 -3.52 -1.84
CA LEU B 92 23.55 -4.16 -0.53
C LEU B 92 24.79 -5.04 -0.41
N THR B 93 25.60 -4.80 0.61
CA THR B 93 26.88 -5.46 0.77
C THR B 93 26.84 -6.40 1.96
N ILE B 94 27.25 -7.64 1.76
CA ILE B 94 27.34 -8.66 2.81
C ILE B 94 28.79 -9.08 2.90
N ASP B 95 29.36 -8.96 4.10
CA ASP B 95 30.75 -9.35 4.33
C ASP B 95 31.00 -9.60 5.82
N PRO B 96 31.46 -10.80 6.19
CA PRO B 96 31.63 -12.00 5.36
C PRO B 96 30.31 -12.75 5.29
N VAL B 97 30.24 -13.90 4.61
CA VAL B 97 29.00 -14.66 4.53
C VAL B 97 29.15 -15.95 5.29
N GLU B 98 28.03 -16.44 5.80
CA GLU B 98 27.86 -17.72 6.47
C GLU B 98 26.61 -18.37 5.91
N PRO B 99 26.44 -19.68 6.08
CA PRO B 99 25.27 -20.37 5.48
C PRO B 99 23.90 -19.84 5.93
N ASP B 100 23.84 -18.89 6.86
CA ASP B 100 22.56 -18.24 7.18
C ASP B 100 22.19 -17.15 6.20
N ASP B 101 23.09 -16.73 5.32
CA ASP B 101 22.82 -15.68 4.34
C ASP B 101 22.49 -16.22 2.96
N ILE B 102 22.44 -17.54 2.77
CA ILE B 102 22.12 -18.13 1.48
C ILE B 102 20.61 -18.11 1.28
N ALA B 103 20.10 -17.05 0.69
CA ALA B 103 18.66 -16.84 0.60
C ALA B 103 18.37 -15.82 -0.49
N ASN B 104 17.07 -15.56 -0.70
CA ASN B 104 16.63 -14.52 -1.62
C ASN B 104 16.85 -13.14 -1.01
N TYR B 105 16.93 -12.14 -1.89
CA TYR B 105 17.02 -10.75 -1.48
C TYR B 105 16.17 -9.90 -2.41
N TYR B 106 15.30 -9.08 -1.84
CA TYR B 106 14.37 -8.26 -2.60
C TYR B 106 14.55 -6.80 -2.23
N CYS B 107 14.52 -5.93 -3.24
CA CYS B 107 14.53 -4.49 -3.03
C CYS B 107 13.14 -3.95 -3.34
N GLN B 108 12.60 -3.16 -2.40
CA GLN B 108 11.26 -2.62 -2.56
C GLN B 108 11.29 -1.11 -2.36
N GLN B 109 10.76 -0.37 -3.32
CA GLN B 109 10.66 1.08 -3.19
C GLN B 109 9.31 1.45 -2.59
N ILE B 110 9.31 2.50 -1.76
CA ILE B 110 8.08 2.95 -1.13
C ILE B 110 7.86 4.42 -1.42
N ASN B 111 8.35 4.88 -2.58
CA ASN B 111 8.23 6.29 -2.93
C ASN B 111 6.83 6.61 -3.44
N GLU B 112 6.43 6.00 -4.55
CA GLU B 112 5.08 6.16 -5.06
C GLU B 112 4.24 4.95 -4.70
N LEU B 113 2.92 5.15 -4.71
CA LEU B 113 2.01 4.18 -4.09
C LEU B 113 2.03 2.79 -4.69
N PRO B 114 2.10 2.56 -6.01
CA PRO B 114 2.25 1.18 -6.49
C PRO B 114 3.62 0.63 -6.16
N TYR B 115 3.79 0.17 -4.92
CA TYR B 115 5.07 -0.34 -4.45
C TYR B 115 5.53 -1.51 -5.31
N THR B 116 6.73 -1.41 -5.86
CA THR B 116 7.24 -2.40 -6.78
C THR B 116 8.41 -3.14 -6.14
N PHE B 117 8.34 -4.47 -6.14
CA PHE B 117 9.43 -5.31 -5.67
C PHE B 117 10.32 -5.70 -6.83
N GLY B 118 11.55 -6.08 -6.51
CA GLY B 118 12.45 -6.58 -7.52
C GLY B 118 12.20 -8.05 -7.81
N ALA B 119 12.93 -8.55 -8.82
CA ALA B 119 12.81 -9.96 -9.16
C ALA B 119 13.40 -10.85 -8.08
N GLY B 120 14.52 -10.45 -7.49
CA GLY B 120 15.16 -11.23 -6.46
C GLY B 120 16.41 -11.93 -6.93
N THR B 121 17.42 -12.02 -6.07
CA THR B 121 18.68 -12.69 -6.40
C THR B 121 18.85 -13.90 -5.53
N LYS B 122 19.31 -15.00 -6.14
CA LYS B 122 19.59 -16.25 -5.44
C LYS B 122 21.10 -16.32 -5.18
N LEU B 123 21.50 -16.10 -3.93
CA LEU B 123 22.87 -16.41 -3.54
C LEU B 123 22.97 -17.92 -3.30
N GLU B 124 24.12 -18.49 -3.66
CA GLU B 124 24.35 -19.90 -3.36
C GLU B 124 25.85 -20.17 -3.31
N LEU B 125 26.19 -21.26 -2.66
CA LEU B 125 27.58 -21.65 -2.45
C LEU B 125 28.23 -22.07 -3.77
N LYS B 126 29.55 -21.93 -3.84
CA LYS B 126 30.31 -22.42 -4.97
C LYS B 126 31.26 -23.52 -4.52
N ARG B 127 31.46 -24.50 -5.41
CA ARG B 127 32.34 -25.64 -5.16
C ARG B 127 32.77 -26.19 -6.51
N ALA B 128 33.30 -27.40 -6.51
CA ALA B 128 33.76 -28.04 -7.75
C ALA B 128 32.58 -28.35 -8.66
N ASP B 129 32.81 -28.22 -9.96
CA ASP B 129 31.79 -28.44 -10.98
C ASP B 129 31.63 -29.94 -11.19
N ALA B 130 30.74 -30.54 -10.41
CA ALA B 130 30.51 -31.98 -10.50
C ALA B 130 29.70 -32.31 -11.75
N ALA B 131 29.98 -33.49 -12.32
CA ALA B 131 29.23 -33.97 -13.46
C ALA B 131 27.90 -34.58 -13.03
N PRO B 132 26.85 -34.43 -13.84
CA PRO B 132 25.56 -35.05 -13.49
C PRO B 132 25.62 -36.56 -13.58
N THR B 133 24.79 -37.20 -12.76
CA THR B 133 24.65 -38.66 -12.78
C THR B 133 23.36 -38.98 -13.52
N VAL B 134 23.42 -38.98 -14.85
CA VAL B 134 22.26 -39.10 -15.71
C VAL B 134 21.83 -40.56 -15.76
N SER B 135 20.51 -40.79 -15.82
CA SER B 135 19.97 -42.14 -15.79
C SER B 135 18.65 -42.21 -16.54
N ILE B 136 18.62 -43.08 -17.56
CA ILE B 136 17.38 -43.61 -18.12
C ILE B 136 16.66 -44.40 -17.04
N PHE B 137 15.35 -44.17 -16.90
CA PHE B 137 14.53 -45.09 -16.14
C PHE B 137 13.39 -45.58 -17.02
N PRO B 138 13.23 -46.89 -17.21
CA PRO B 138 12.21 -47.39 -18.13
C PRO B 138 10.81 -47.16 -17.56
N PRO B 139 9.81 -46.99 -18.43
CA PRO B 139 8.42 -47.01 -17.96
C PRO B 139 8.07 -48.37 -17.38
N SER B 140 7.21 -48.35 -16.36
CA SER B 140 6.90 -49.57 -15.62
C SER B 140 6.03 -50.51 -16.45
N THR B 141 5.97 -51.77 -16.01
CA THR B 141 5.20 -52.78 -16.73
C THR B 141 3.71 -52.49 -16.67
N GLU B 142 3.19 -52.10 -15.51
CA GLU B 142 1.77 -51.81 -15.35
C GLU B 142 1.41 -50.38 -15.75
N ARG B 143 2.38 -49.58 -16.23
CA ARG B 143 2.04 -48.29 -16.82
C ARG B 143 1.18 -48.47 -18.07
N LEU B 144 1.49 -49.49 -18.88
CA LEU B 144 0.69 -49.77 -20.07
C LEU B 144 -0.68 -50.31 -19.71
N ALA B 145 -0.80 -51.00 -18.58
CA ALA B 145 -2.08 -51.57 -18.16
C ALA B 145 -3.09 -50.48 -17.84
N THR B 146 -2.63 -49.38 -17.24
CA THR B 146 -3.51 -48.27 -16.88
C THR B 146 -3.74 -47.31 -18.04
N GLY B 147 -3.14 -47.55 -19.20
CA GLY B 147 -3.36 -46.71 -20.35
C GLY B 147 -2.55 -45.44 -20.35
N GLY B 148 -1.22 -45.57 -20.29
CA GLY B 148 -0.36 -44.40 -20.30
C GLY B 148 1.10 -44.82 -20.38
N ALA B 149 1.95 -43.81 -20.53
CA ALA B 149 3.39 -44.04 -20.59
C ALA B 149 4.10 -42.78 -20.10
N SER B 150 5.08 -42.97 -19.22
CA SER B 150 5.87 -41.85 -18.70
C SER B 150 7.32 -42.31 -18.58
N VAL B 151 8.20 -41.76 -19.40
CA VAL B 151 9.62 -42.07 -19.34
C VAL B 151 10.33 -40.92 -18.64
N VAL B 152 11.39 -41.24 -17.90
CA VAL B 152 12.07 -40.24 -17.09
C VAL B 152 13.58 -40.40 -17.22
N CYS B 153 14.25 -39.25 -17.22
CA CYS B 153 15.70 -39.17 -17.09
C CYS B 153 16.02 -38.35 -15.85
N LEU B 154 16.85 -38.92 -14.98
CA LEU B 154 17.20 -38.30 -13.70
C LEU B 154 18.70 -38.06 -13.63
N MET B 155 19.09 -36.82 -13.34
CA MET B 155 20.49 -36.54 -13.05
C MET B 155 20.57 -35.68 -11.78
N ASN B 156 21.69 -35.79 -11.08
CA ASN B 156 21.82 -35.15 -9.78
C ASN B 156 23.29 -34.96 -9.47
N ASN B 157 23.54 -34.15 -8.44
CA ASN B 157 24.89 -33.85 -7.95
C ASN B 157 25.74 -33.23 -9.06
N PHE B 158 25.33 -32.05 -9.50
CA PHE B 158 26.03 -31.35 -10.56
C PHE B 158 26.08 -29.85 -10.26
N TYR B 159 27.02 -29.18 -10.93
CA TYR B 159 27.27 -27.76 -10.81
C TYR B 159 27.85 -27.48 -12.20
N PRO B 160 27.36 -26.45 -12.93
CA PRO B 160 26.40 -25.40 -12.57
C PRO B 160 24.93 -25.64 -12.83
N ARG B 161 24.14 -24.61 -12.51
CA ARG B 161 22.68 -24.69 -12.59
C ARG B 161 22.23 -24.86 -14.04
N ASP B 162 22.85 -24.12 -14.97
CA ASP B 162 22.40 -24.16 -16.35
C ASP B 162 22.73 -25.48 -17.04
N ILE B 163 21.78 -26.40 -16.98
CA ILE B 163 21.93 -27.76 -17.52
C ILE B 163 20.87 -27.92 -18.60
N SER B 164 21.27 -28.41 -19.77
CA SER B 164 20.34 -28.58 -20.88
C SER B 164 20.02 -30.06 -21.06
N VAL B 165 18.73 -30.40 -21.06
CA VAL B 165 18.29 -31.76 -21.29
C VAL B 165 17.24 -31.74 -22.39
N LYS B 166 17.24 -32.79 -23.20
CA LYS B 166 16.40 -32.83 -24.40
C LYS B 166 16.22 -34.30 -24.77
N TRP B 167 15.18 -34.60 -25.54
CA TRP B 167 14.81 -35.99 -25.82
C TRP B 167 15.19 -36.34 -27.26
N LYS B 168 16.18 -37.23 -27.39
CA LYS B 168 16.59 -37.74 -28.70
C LYS B 168 15.71 -38.92 -29.08
N ILE B 169 14.97 -38.77 -30.18
CA ILE B 169 13.99 -39.75 -30.63
C ILE B 169 14.32 -40.07 -32.09
N ASP B 170 14.82 -41.29 -32.33
CA ASP B 170 15.20 -41.86 -33.63
C ASP B 170 15.84 -40.87 -34.60
N GLY B 171 16.72 -40.01 -34.09
CA GLY B 171 17.32 -39.01 -34.95
C GLY B 171 16.43 -37.84 -35.30
N THR B 172 15.37 -37.60 -34.53
CA THR B 172 14.48 -36.46 -34.75
C THR B 172 14.32 -35.65 -33.47
N GLU B 173 14.12 -34.34 -33.65
CA GLU B 173 13.84 -33.45 -32.53
C GLU B 173 12.43 -33.68 -32.01
N ARG B 174 12.25 -33.51 -30.69
CA ARG B 174 11.00 -33.95 -30.09
C ARG B 174 10.79 -33.19 -28.79
N ARG B 175 9.81 -32.28 -28.77
CA ARG B 175 9.31 -31.68 -27.53
C ARG B 175 7.78 -31.64 -27.58
N ASP B 176 7.13 -32.35 -26.67
CA ASP B 176 5.71 -32.12 -26.38
C ASP B 176 5.39 -32.75 -25.04
N GLY B 177 4.83 -31.97 -24.12
CA GLY B 177 4.46 -32.49 -22.82
C GLY B 177 5.64 -32.97 -22.00
N VAL B 178 6.80 -32.35 -22.14
CA VAL B 178 8.00 -32.72 -21.39
C VAL B 178 8.09 -31.79 -20.19
N LEU B 179 8.06 -32.38 -19.00
CA LEU B 179 8.06 -31.62 -17.76
C LEU B 179 9.39 -31.78 -17.06
N ASP B 180 9.96 -30.66 -16.63
CA ASP B 180 11.27 -30.64 -16.00
C ASP B 180 11.16 -30.05 -14.60
N SER B 181 11.81 -30.71 -13.64
CA SER B 181 11.83 -30.27 -12.26
C SER B 181 13.28 -30.13 -11.81
N VAL B 182 13.57 -29.03 -11.12
CA VAL B 182 14.91 -28.71 -10.63
C VAL B 182 14.83 -28.48 -9.14
N THR B 183 15.65 -29.19 -8.37
CA THR B 183 15.66 -29.02 -6.94
C THR B 183 16.38 -27.73 -6.55
N ASP B 184 16.29 -27.40 -5.26
CA ASP B 184 16.99 -26.24 -4.73
C ASP B 184 18.43 -26.64 -4.40
N GLN B 185 19.15 -25.76 -3.69
CA GLN B 185 20.52 -26.07 -3.30
C GLN B 185 20.54 -27.16 -2.24
N ASP B 186 21.42 -28.14 -2.42
CA ASP B 186 21.54 -29.23 -1.46
C ASP B 186 22.18 -28.72 -0.17
N SER B 187 21.69 -29.24 0.95
CA SER B 187 22.16 -28.77 2.26
C SER B 187 23.55 -29.30 2.57
N LYS B 188 23.81 -30.57 2.30
CA LYS B 188 25.04 -31.21 2.77
C LYS B 188 26.18 -31.17 1.77
N ASP B 189 25.89 -31.11 0.47
CA ASP B 189 26.93 -31.09 -0.54
C ASP B 189 26.86 -29.91 -1.49
N SER B 190 25.81 -29.09 -1.41
CA SER B 190 25.65 -27.89 -2.24
C SER B 190 25.69 -28.23 -3.73
N THR B 191 24.76 -29.07 -4.16
CA THR B 191 24.62 -29.48 -5.55
C THR B 191 23.17 -29.29 -6.00
N TYR B 192 22.91 -29.65 -7.25
CA TYR B 192 21.58 -29.53 -7.84
C TYR B 192 21.14 -30.89 -8.39
N SER B 193 19.82 -31.06 -8.51
CA SER B 193 19.26 -32.26 -9.10
C SER B 193 18.16 -31.87 -10.07
N MET B 194 17.93 -32.73 -11.06
CA MET B 194 17.02 -32.43 -12.16
C MET B 194 16.36 -33.73 -12.62
N SER B 195 15.06 -33.64 -12.91
CA SER B 195 14.30 -34.74 -13.49
C SER B 195 13.55 -34.24 -14.72
N SER B 196 13.57 -35.03 -15.78
CA SER B 196 12.83 -34.72 -16.99
C SER B 196 11.92 -35.90 -17.33
N THR B 197 10.63 -35.63 -17.49
CA THR B 197 9.67 -36.67 -17.80
C THR B 197 8.96 -36.36 -19.12
N LEU B 198 8.83 -37.40 -19.93
CA LEU B 198 8.07 -37.35 -21.18
C LEU B 198 6.83 -38.21 -21.01
N SER B 199 5.67 -37.61 -21.22
CA SER B 199 4.38 -38.30 -21.09
C SER B 199 3.89 -38.64 -22.49
N LEU B 200 3.85 -39.93 -22.79
CA LEU B 200 3.44 -40.43 -24.09
C LEU B 200 2.39 -41.50 -23.92
N THR B 201 1.44 -41.56 -24.86
CA THR B 201 0.46 -42.63 -24.87
C THR B 201 1.13 -43.97 -25.13
N LYS B 202 0.51 -45.03 -24.62
CA LYS B 202 1.10 -46.36 -24.73
C LYS B 202 1.20 -46.85 -26.17
N ALA B 203 0.27 -46.43 -27.03
CA ALA B 203 0.33 -46.81 -28.43
C ALA B 203 1.55 -46.20 -29.12
N ASP B 204 1.78 -44.89 -28.90
CA ASP B 204 2.93 -44.24 -29.49
C ASP B 204 4.23 -44.71 -28.85
N TYR B 205 4.18 -45.14 -27.59
CA TYR B 205 5.38 -45.68 -26.96
C TYR B 205 5.73 -47.03 -27.59
N GLU B 206 4.74 -47.91 -27.73
CA GLU B 206 5.00 -49.24 -28.28
C GLU B 206 5.26 -49.22 -29.78
N SER B 207 4.79 -48.18 -30.48
CA SER B 207 5.10 -48.06 -31.90
C SER B 207 6.57 -47.76 -32.14
N HIS B 208 7.22 -47.08 -31.20
CA HIS B 208 8.62 -46.68 -31.33
C HIS B 208 9.51 -47.59 -30.49
N ASN B 209 10.79 -47.65 -30.87
CA ASN B 209 11.75 -48.54 -30.26
C ASN B 209 12.87 -47.79 -29.54
N LEU B 210 13.55 -46.87 -30.22
CA LEU B 210 14.75 -46.23 -29.67
C LEU B 210 14.38 -44.99 -28.87
N TYR B 211 14.95 -44.89 -27.66
CA TYR B 211 14.70 -43.76 -26.77
C TYR B 211 16.04 -43.26 -26.22
N THR B 212 16.22 -41.94 -26.22
CA THR B 212 17.42 -41.36 -25.62
C THR B 212 17.06 -40.03 -24.99
N CYS B 213 17.77 -39.66 -23.93
CA CYS B 213 17.79 -38.28 -23.47
C CYS B 213 19.21 -37.76 -23.63
N GLU B 214 19.35 -36.68 -24.40
CA GLU B 214 20.63 -36.02 -24.60
C GLU B 214 20.78 -34.92 -23.56
N VAL B 215 21.89 -34.93 -22.84
CA VAL B 215 22.14 -34.03 -21.73
C VAL B 215 23.48 -33.34 -21.94
N VAL B 216 23.45 -32.01 -22.00
CA VAL B 216 24.63 -31.20 -22.25
C VAL B 216 24.83 -30.26 -21.05
N HIS B 217 26.04 -30.27 -20.51
CA HIS B 217 26.38 -29.55 -19.29
C HIS B 217 27.74 -28.89 -19.45
N LYS B 218 28.01 -27.92 -18.58
CA LYS B 218 29.28 -27.22 -18.60
C LYS B 218 30.44 -28.10 -18.13
N THR B 219 30.14 -29.21 -17.44
CA THR B 219 31.18 -30.06 -16.88
C THR B 219 32.04 -30.74 -17.94
N SER B 220 31.55 -30.85 -19.17
CA SER B 220 32.31 -31.48 -20.24
C SER B 220 31.84 -30.95 -21.58
N SER B 221 32.79 -30.72 -22.48
CA SER B 221 32.43 -30.31 -23.84
C SER B 221 31.69 -31.43 -24.57
N SER B 222 32.12 -32.66 -24.38
CA SER B 222 31.45 -33.81 -25.00
C SER B 222 30.13 -34.05 -24.29
N PRO B 223 29.00 -34.07 -25.01
CA PRO B 223 27.72 -34.34 -24.36
C PRO B 223 27.62 -35.78 -23.86
N VAL B 224 26.86 -35.97 -22.80
CA VAL B 224 26.68 -37.27 -22.18
C VAL B 224 25.49 -37.96 -22.84
N VAL B 225 25.70 -39.20 -23.26
CA VAL B 225 24.67 -39.98 -23.95
C VAL B 225 24.19 -41.10 -23.03
N LYS B 226 22.87 -41.30 -22.99
CA LYS B 226 22.27 -42.38 -22.21
C LYS B 226 20.98 -42.76 -22.91
N SER B 227 20.98 -43.91 -23.58
CA SER B 227 19.91 -44.29 -24.49
C SER B 227 19.09 -45.43 -23.91
N PHE B 228 18.12 -45.88 -24.72
CA PHE B 228 17.19 -46.95 -24.33
C PHE B 228 16.61 -47.55 -25.60
N ASN B 229 16.96 -48.79 -25.91
CA ASN B 229 16.35 -49.49 -27.03
C ASN B 229 15.29 -50.47 -26.56
N ARG B 230 15.67 -51.48 -25.76
CA ARG B 230 14.69 -52.40 -25.21
C ARG B 230 14.92 -52.76 -23.74
N ASN B 231 16.13 -52.66 -23.22
CA ASN B 231 16.41 -53.08 -21.85
C ASN B 231 17.38 -52.11 -21.16
N GLU C 164 -22.85 4.80 7.39
CA GLU C 164 -22.09 4.43 6.21
C GLU C 164 -21.12 5.52 5.81
N VAL C 165 -19.89 5.41 6.32
CA VAL C 165 -18.74 6.31 6.10
C VAL C 165 -19.16 7.78 6.13
N PRO C 166 -19.41 8.34 7.31
CA PRO C 166 -19.82 9.75 7.39
C PRO C 166 -18.69 10.69 6.97
N LEU C 167 -19.04 11.97 6.89
CA LEU C 167 -18.08 12.99 6.46
C LEU C 167 -16.92 13.13 7.44
N PHE C 168 -17.18 12.87 8.71
CA PHE C 168 -16.14 12.97 9.73
C PHE C 168 -15.01 11.99 9.46
N HIS C 169 -15.34 10.77 9.05
CA HIS C 169 -14.34 9.83 8.59
C HIS C 169 -13.68 10.33 7.31
N LEU C 170 -14.48 10.91 6.41
CA LEU C 170 -14.01 11.27 5.07
C LEU C 170 -12.95 12.35 5.11
N PHE C 171 -12.99 13.24 6.10
CA PHE C 171 -11.97 14.29 6.17
C PHE C 171 -10.58 13.70 6.41
N ALA C 172 -10.46 12.83 7.41
CA ALA C 172 -9.17 12.19 7.69
C ALA C 172 -8.77 11.25 6.55
N ARG C 173 -9.74 10.58 5.93
CA ARG C 173 -9.43 9.72 4.80
C ARG C 173 -8.86 10.53 3.64
N LEU C 174 -9.44 11.71 3.36
CA LEU C 174 -8.92 12.57 2.30
C LEU C 174 -7.53 13.09 2.65
N ASP C 175 -7.29 13.41 3.93
CA ASP C 175 -5.97 13.83 4.35
C ASP C 175 -4.92 12.76 4.07
N GLU C 176 -5.19 11.52 4.51
CA GLU C 176 -4.25 10.43 4.29
C GLU C 176 -4.10 10.12 2.80
N GLU C 177 -5.19 10.25 2.04
CA GLU C 177 -5.16 9.93 0.63
C GLU C 177 -4.31 10.94 -0.15
N LEU C 178 -4.42 12.23 0.18
CA LEU C 178 -3.56 13.21 -0.46
C LEU C 178 -2.10 13.02 -0.05
N HIS C 179 -1.86 12.69 1.22
CA HIS C 179 -0.49 12.46 1.65
C HIS C 179 0.13 11.27 0.92
N GLY C 180 -0.66 10.24 0.66
CA GLY C 180 -0.18 9.11 -0.11
C GLY C 180 0.05 9.43 -1.57
N THR C 181 -1.02 9.82 -2.28
CA THR C 181 -0.94 9.93 -3.73
C THR C 181 -0.02 11.07 -4.17
N PHE C 182 -0.09 12.22 -3.50
CA PHE C 182 0.68 13.41 -3.89
C PHE C 182 1.50 13.88 -2.69
N PRO C 183 2.69 13.34 -2.48
CA PRO C 183 3.49 13.79 -1.33
C PRO C 183 4.02 15.20 -1.47
N GLY C 184 4.49 15.57 -2.66
CA GLY C 184 5.02 16.91 -2.85
C GLY C 184 3.97 17.99 -2.70
N LEU C 185 2.78 17.77 -3.26
CA LEU C 185 1.68 18.71 -3.08
C LEU C 185 1.27 18.79 -1.63
N TRP C 186 1.27 17.65 -0.92
CA TRP C 186 0.92 17.65 0.50
C TRP C 186 1.92 18.46 1.31
N LEU C 187 3.22 18.32 1.04
CA LEU C 187 4.22 19.09 1.76
C LEU C 187 4.14 20.57 1.41
N ALA C 188 3.85 20.90 0.15
CA ALA C 188 3.67 22.29 -0.23
C ALA C 188 2.48 22.91 0.48
N LEU C 189 1.37 22.16 0.58
CA LEU C 189 0.22 22.65 1.33
C LEU C 189 0.52 22.78 2.81
N MET C 190 1.37 21.91 3.36
CA MET C 190 1.82 22.06 4.74
C MET C 190 2.57 23.36 4.93
N ALA C 191 3.49 23.66 4.00
CA ALA C 191 4.26 24.90 4.11
C ALA C 191 3.36 26.13 4.00
N VAL C 192 2.39 26.07 3.07
CA VAL C 192 1.45 27.18 2.91
C VAL C 192 0.61 27.36 4.16
N HIS C 193 0.15 26.24 4.75
CA HIS C 193 -0.63 26.31 5.97
C HIS C 193 0.18 26.88 7.13
N GLY C 194 1.45 26.51 7.23
CA GLY C 194 2.30 27.05 8.28
C GLY C 194 2.52 28.54 8.14
N ALA C 195 2.82 29.00 6.93
CA ALA C 195 2.99 30.44 6.71
C ALA C 195 1.69 31.19 6.97
N ILE C 196 0.56 30.62 6.54
CA ILE C 196 -0.73 31.24 6.75
C ILE C 196 -1.04 31.33 8.24
N PHE C 197 -0.72 30.27 8.99
CA PHE C 197 -0.92 30.28 10.43
C PHE C 197 -0.07 31.35 11.11
N LEU C 198 1.20 31.48 10.69
CA LEU C 198 2.06 32.51 11.29
C LEU C 198 1.51 33.91 11.03
N ALA C 199 1.17 34.21 9.77
CA ALA C 199 0.69 35.54 9.43
C ALA C 199 -0.65 35.84 10.10
N GLY C 200 -1.57 34.85 10.10
CA GLY C 200 -2.84 35.04 10.76
C GLY C 200 -2.69 35.22 12.26
N LEU C 201 -1.77 34.48 12.88
CA LEU C 201 -1.55 34.60 14.31
C LEU C 201 -1.07 36.00 14.68
N VAL C 202 -0.05 36.50 13.97
CA VAL C 202 0.46 37.82 14.33
C VAL C 202 -0.56 38.92 14.04
N LEU C 203 -1.22 38.85 12.87
CA LEU C 203 -2.19 39.88 12.50
C LEU C 203 -3.39 39.88 13.44
N ASN C 204 -3.92 38.71 13.77
CA ASN C 204 -5.10 38.65 14.62
C ASN C 204 -4.75 38.94 16.07
N GLY C 205 -3.54 38.62 16.52
CA GLY C 205 -3.15 39.04 17.85
C GLY C 205 -3.05 40.55 17.97
N LEU C 206 -2.45 41.19 16.97
CA LEU C 206 -2.41 42.65 16.96
C LEU C 206 -3.81 43.24 16.91
N ALA C 207 -4.68 42.66 16.08
CA ALA C 207 -6.05 43.17 15.97
C ALA C 207 -6.82 43.00 17.28
N LEU C 208 -6.65 41.85 17.93
CA LEU C 208 -7.36 41.62 19.20
C LEU C 208 -6.88 42.59 20.26
N TYR C 209 -5.56 42.83 20.33
CA TYR C 209 -5.05 43.80 21.31
C TYR C 209 -5.60 45.20 21.03
N VAL C 210 -5.62 45.59 19.75
CA VAL C 210 -6.10 46.94 19.39
C VAL C 210 -7.58 47.08 19.71
N PHE C 211 -8.39 46.08 19.37
CA PHE C 211 -9.82 46.18 19.53
C PHE C 211 -10.30 45.88 20.95
N CYS C 212 -9.45 45.33 21.81
CA CYS C 212 -9.84 45.10 23.20
C CYS C 212 -9.23 46.09 24.17
N CYS C 213 -7.91 46.27 24.14
CA CYS C 213 -7.23 47.06 25.16
C CYS C 213 -6.92 48.49 24.73
N ARG C 214 -7.27 48.88 23.51
CA ARG C 214 -6.95 50.22 23.04
C ARG C 214 -8.19 51.05 22.72
N THR C 215 -9.10 50.53 21.90
CA THR C 215 -10.28 51.30 21.52
C THR C 215 -11.27 51.37 22.67
N ARG C 216 -11.97 52.50 22.78
CA ARG C 216 -12.94 52.74 23.84
C ARG C 216 -14.38 52.78 23.35
N ALA C 217 -14.63 53.39 22.19
CA ALA C 217 -15.97 53.48 21.65
C ALA C 217 -16.39 52.13 21.12
N LYS C 218 -17.14 51.37 21.93
CA LYS C 218 -17.56 50.02 21.57
C LYS C 218 -18.81 50.09 20.69
N THR C 219 -18.58 50.50 19.44
CA THR C 219 -19.64 50.50 18.44
C THR C 219 -19.98 49.07 18.05
N PRO C 220 -21.16 48.83 17.47
CA PRO C 220 -21.48 47.48 16.99
C PRO C 220 -20.50 46.93 15.97
N SER C 221 -19.90 47.80 15.15
CA SER C 221 -18.86 47.35 14.23
C SER C 221 -17.66 46.79 15.00
N VAL C 222 -17.30 47.42 16.12
CA VAL C 222 -16.21 46.93 16.94
C VAL C 222 -16.55 45.57 17.53
N ILE C 223 -17.81 45.37 17.94
CA ILE C 223 -18.22 44.09 18.49
C ILE C 223 -18.15 42.99 17.44
N TYR C 224 -18.67 43.28 16.24
CA TYR C 224 -18.60 42.30 15.15
C TYR C 224 -17.16 41.99 14.77
N THR C 225 -16.30 43.01 14.78
CA THR C 225 -14.90 42.80 14.44
C THR C 225 -14.17 42.01 15.52
N ILE C 226 -14.52 42.22 16.79
CA ILE C 226 -13.92 41.44 17.88
C ILE C 226 -14.30 39.97 17.74
N ASN C 227 -15.58 39.70 17.43
CA ASN C 227 -15.98 38.34 17.16
C ASN C 227 -15.27 37.77 15.94
N LEU C 228 -15.02 38.61 14.92
CA LEU C 228 -14.30 38.16 13.73
C LEU C 228 -12.86 37.78 14.07
N VAL C 229 -12.17 38.58 14.87
CA VAL C 229 -10.79 38.24 15.22
C VAL C 229 -10.75 37.02 16.13
N VAL C 230 -11.79 36.82 16.96
CA VAL C 230 -11.85 35.60 17.75
C VAL C 230 -11.99 34.37 16.86
N THR C 231 -12.87 34.46 15.85
CA THR C 231 -13.03 33.36 14.90
C THR C 231 -11.74 33.12 14.13
N ASP C 232 -11.07 34.18 13.70
CA ASP C 232 -9.82 34.05 12.96
C ASP C 232 -8.73 33.42 13.81
N LEU C 233 -8.66 33.81 15.09
CA LEU C 233 -7.68 33.21 15.99
C LEU C 233 -7.98 31.73 16.22
N LEU C 234 -9.26 31.37 16.33
CA LEU C 234 -9.60 29.96 16.51
C LEU C 234 -9.23 29.14 15.28
N VAL C 235 -9.50 29.67 14.09
CA VAL C 235 -9.15 28.95 12.86
C VAL C 235 -7.63 28.85 12.72
N GLY C 236 -6.91 29.93 13.04
CA GLY C 236 -5.46 29.89 13.00
C GLY C 236 -4.88 28.87 13.96
N LEU C 237 -5.45 28.79 15.17
CA LEU C 237 -4.99 27.78 16.12
C LEU C 237 -5.33 26.37 15.65
N SER C 238 -6.45 26.20 14.97
CA SER C 238 -6.81 24.87 14.46
C SER C 238 -6.00 24.47 13.25
N LEU C 239 -5.36 25.42 12.57
CA LEU C 239 -4.60 25.07 11.37
C LEU C 239 -3.43 24.12 11.62
N PRO C 240 -2.52 24.35 12.58
CA PRO C 240 -1.48 23.33 12.83
C PRO C 240 -1.98 22.17 13.66
N THR C 241 -3.16 22.30 14.29
CA THR C 241 -3.74 21.19 15.02
C THR C 241 -4.06 20.03 14.09
N ARG C 242 -4.43 20.33 12.85
CA ARG C 242 -4.70 19.27 11.87
C ARG C 242 -3.47 18.40 11.65
N PHE C 243 -2.31 19.03 11.41
CA PHE C 243 -1.10 18.27 11.16
C PHE C 243 -0.57 17.62 12.44
N ALA C 244 -0.72 18.28 13.58
CA ALA C 244 -0.30 17.68 14.84
C ALA C 244 -1.10 16.42 15.15
N VAL C 245 -2.41 16.46 14.91
CA VAL C 245 -3.24 15.28 15.11
C VAL C 245 -2.90 14.22 14.06
N TYR C 246 -2.65 14.65 12.82
CA TYR C 246 -2.37 13.71 11.74
C TYR C 246 -1.06 12.97 11.97
N TYR C 247 -0.08 13.59 12.61
CA TYR C 247 1.20 12.94 12.82
C TYR C 247 1.34 12.28 14.19
N GLY C 248 1.05 13.01 15.27
CA GLY C 248 1.22 12.44 16.59
C GLY C 248 0.16 11.42 16.95
N ALA C 249 -1.02 11.53 16.35
CA ALA C 249 -2.15 10.66 16.70
C ALA C 249 -2.84 10.15 15.44
N ARG C 250 -2.06 9.65 14.48
CA ARG C 250 -2.63 9.10 13.27
C ARG C 250 -3.45 7.86 13.58
N GLY C 251 -4.53 7.67 12.81
CA GLY C 251 -5.43 6.58 13.05
C GLY C 251 -6.58 6.99 13.94
N CYS C 252 -6.28 7.73 15.01
CA CYS C 252 -7.31 8.31 15.85
C CYS C 252 -8.06 9.36 15.06
N LEU C 253 -9.31 9.07 14.72
CA LEU C 253 -10.14 10.02 13.97
C LEU C 253 -11.13 10.75 14.84
N ARG C 254 -11.34 10.30 16.08
CA ARG C 254 -12.13 11.07 17.03
C ARG C 254 -11.42 12.36 17.39
N CYS C 255 -10.09 12.31 17.53
CA CYS C 255 -9.30 13.48 17.86
C CYS C 255 -9.04 14.39 16.66
N ALA C 256 -9.55 14.05 15.48
CA ALA C 256 -9.49 14.93 14.32
C ALA C 256 -10.64 15.94 14.30
N PHE C 257 -11.47 15.94 15.34
CA PHE C 257 -12.59 16.89 15.40
C PHE C 257 -12.19 18.36 15.44
N PRO C 258 -11.16 18.81 16.21
CA PRO C 258 -10.93 20.26 16.29
C PRO C 258 -10.66 20.96 14.96
N HIS C 259 -9.92 20.36 14.04
CA HIS C 259 -9.67 21.06 12.78
C HIS C 259 -10.89 21.03 11.86
N VAL C 260 -11.72 19.99 11.96
CA VAL C 260 -12.99 19.99 11.23
C VAL C 260 -13.91 21.09 11.76
N LEU C 261 -13.97 21.24 13.09
CA LEU C 261 -14.73 22.33 13.68
C LEU C 261 -14.15 23.68 13.28
N GLY C 262 -12.83 23.76 13.14
CA GLY C 262 -12.22 24.98 12.63
C GLY C 262 -12.64 25.28 11.20
N TYR C 263 -12.75 24.24 10.37
CA TYR C 263 -13.26 24.42 9.00
C TYR C 263 -14.68 24.96 9.02
N PHE C 264 -15.53 24.39 9.87
CA PHE C 264 -16.91 24.84 9.94
C PHE C 264 -17.01 26.27 10.48
N LEU C 265 -16.18 26.61 11.47
CA LEU C 265 -16.15 27.97 11.99
C LEU C 265 -15.70 28.96 10.93
N ASN C 266 -14.66 28.61 10.17
CA ASN C 266 -14.20 29.48 9.10
C ASN C 266 -15.25 29.65 8.01
N MET C 267 -16.00 28.59 7.74
CA MET C 267 -17.03 28.66 6.70
C MET C 267 -18.21 29.51 7.15
N HIS C 268 -18.59 29.42 8.43
CA HIS C 268 -19.81 30.08 8.91
C HIS C 268 -19.55 31.45 9.52
N CYS C 269 -18.74 31.50 10.59
CA CYS C 269 -18.66 32.70 11.42
C CYS C 269 -17.97 33.84 10.69
N SER C 270 -16.89 33.56 9.96
CA SER C 270 -16.22 34.61 9.20
C SER C 270 -17.15 35.21 8.15
N ILE C 271 -17.87 34.34 7.44
CA ILE C 271 -18.78 34.79 6.39
C ILE C 271 -19.87 35.69 6.99
N TRP C 272 -20.49 35.23 8.08
CA TRP C 272 -21.61 35.98 8.63
C TRP C 272 -21.17 37.22 9.40
N PHE C 273 -19.98 37.22 9.98
CA PHE C 273 -19.52 38.42 10.65
C PHE C 273 -19.07 39.48 9.65
N LEU C 274 -18.50 39.06 8.52
CA LEU C 274 -18.25 40.02 7.43
C LEU C 274 -19.56 40.58 6.91
N THR C 275 -20.59 39.73 6.77
CA THR C 275 -21.89 40.21 6.35
C THR C 275 -22.48 41.20 7.36
N CYS C 276 -22.32 40.92 8.66
CA CYS C 276 -22.83 41.81 9.69
C CYS C 276 -22.10 43.14 9.69
N ILE C 277 -20.78 43.13 9.47
CA ILE C 277 -20.02 44.38 9.37
C ILE C 277 -20.51 45.19 8.19
N CYS C 278 -20.73 44.54 7.04
CA CYS C 278 -21.25 45.23 5.87
C CYS C 278 -22.64 45.81 6.12
N VAL C 279 -23.50 45.05 6.80
CA VAL C 279 -24.85 45.53 7.09
C VAL C 279 -24.81 46.73 8.01
N ASP C 280 -23.98 46.68 9.05
CA ASP C 280 -23.87 47.80 9.98
C ASP C 280 -23.31 49.02 9.28
N ARG C 281 -22.32 48.84 8.40
CA ARG C 281 -21.77 49.96 7.65
C ARG C 281 -22.82 50.57 6.72
N TYR C 282 -23.63 49.74 6.06
CA TYR C 282 -24.67 50.24 5.18
C TYR C 282 -25.72 51.02 5.96
N LEU C 283 -26.16 50.49 7.10
CA LEU C 283 -27.23 51.12 7.86
C LEU C 283 -26.80 52.42 8.51
N ALA C 284 -25.49 52.64 8.66
CA ALA C 284 -24.99 53.88 9.23
C ALA C 284 -24.69 54.94 8.17
N ILE C 285 -25.03 54.68 6.91
CA ILE C 285 -24.70 55.60 5.84
C ILE C 285 -25.97 56.17 5.23
N VAL C 286 -26.88 55.30 4.80
CA VAL C 286 -28.04 55.74 4.03
C VAL C 286 -29.23 56.06 4.93
N ARG C 287 -29.52 55.21 5.93
CA ARG C 287 -30.75 55.32 6.70
C ARG C 287 -30.42 55.39 8.19
N PRO C 288 -30.17 56.58 8.73
CA PRO C 288 -30.09 56.71 10.19
C PRO C 288 -31.46 56.61 10.82
N GLU C 289 -31.75 55.48 11.46
CA GLU C 289 -33.07 55.20 12.01
C GLU C 289 -33.27 55.77 13.41
N GLY C 290 -32.26 56.41 13.99
CA GLY C 290 -32.36 56.89 15.35
C GLY C 290 -32.02 55.87 16.42
N SER C 291 -31.41 54.74 16.04
CA SER C 291 -30.99 53.69 16.97
C SER C 291 -32.17 53.12 17.76
N ARG C 292 -33.33 53.05 17.11
CA ARG C 292 -34.50 52.45 17.76
C ARG C 292 -34.34 50.93 17.86
N ARG C 293 -33.91 50.29 16.79
CA ARG C 293 -33.70 48.85 16.76
C ARG C 293 -32.25 48.45 16.59
N CYS C 294 -31.49 49.16 15.76
CA CYS C 294 -30.08 48.89 15.56
C CYS C 294 -29.26 49.60 16.62
N ARG C 295 -27.94 49.65 16.43
CA ARG C 295 -26.97 50.15 17.41
C ARG C 295 -27.16 49.38 18.72
N GLN C 296 -27.11 50.09 19.87
CA GLN C 296 -27.41 49.54 21.18
C GLN C 296 -26.61 48.27 21.46
N PRO C 297 -25.30 48.41 21.80
CA PRO C 297 -24.37 47.26 21.77
C PRO C 297 -24.83 45.94 22.37
N ALA C 298 -25.85 45.97 23.23
CA ALA C 298 -26.50 44.74 23.65
C ALA C 298 -27.11 44.01 22.46
N CYS C 299 -27.67 44.77 21.51
CA CYS C 299 -28.19 44.15 20.29
C CYS C 299 -27.08 43.49 19.48
N ALA C 300 -25.92 44.15 19.39
CA ALA C 300 -24.78 43.55 18.68
C ALA C 300 -24.30 42.29 19.39
N ARG C 301 -24.27 42.30 20.73
CA ARG C 301 -23.90 41.10 21.48
C ARG C 301 -24.89 39.97 21.22
N ALA C 302 -26.18 40.28 21.19
CA ALA C 302 -27.19 39.27 20.90
C ALA C 302 -27.04 38.72 19.49
N VAL C 303 -26.73 39.58 18.53
CA VAL C 303 -26.53 39.13 17.15
C VAL C 303 -25.32 38.21 17.06
N CYS C 304 -24.23 38.56 17.74
CA CYS C 304 -23.04 37.71 17.75
C CYS C 304 -23.34 36.36 18.39
N ALA C 305 -24.08 36.37 19.51
CA ALA C 305 -24.44 35.11 20.16
C ALA C 305 -25.31 34.25 19.25
N PHE C 306 -26.24 34.88 18.53
CA PHE C 306 -27.07 34.12 17.60
C PHE C 306 -26.26 33.56 16.44
N VAL C 307 -25.25 34.30 15.98
CA VAL C 307 -24.38 33.79 14.91
C VAL C 307 -23.59 32.58 15.40
N TRP C 308 -23.07 32.65 16.63
CA TRP C 308 -22.35 31.50 17.18
C TRP C 308 -23.26 30.30 17.34
N LEU C 309 -24.49 30.51 17.82
CA LEU C 309 -25.45 29.42 17.94
C LEU C 309 -25.80 28.84 16.57
N ALA C 310 -25.91 29.70 15.56
CA ALA C 310 -26.18 29.22 14.20
C ALA C 310 -25.02 28.39 13.68
N ALA C 311 -23.79 28.78 13.98
CA ALA C 311 -22.63 27.98 13.59
C ALA C 311 -22.66 26.61 14.26
N GLY C 312 -22.98 26.58 15.56
CA GLY C 312 -23.09 25.31 16.25
C GLY C 312 -24.19 24.43 15.69
N ALA C 313 -25.34 25.04 15.37
CA ALA C 313 -26.45 24.29 14.79
C ALA C 313 -26.11 23.76 13.41
N VAL C 314 -25.40 24.55 12.61
CA VAL C 314 -24.99 24.09 11.28
C VAL C 314 -24.02 22.92 11.39
N THR C 315 -23.05 23.01 12.31
CA THR C 315 -22.13 21.90 12.52
C THR C 315 -22.86 20.64 12.98
N LEU C 316 -23.80 20.80 13.90
CA LEU C 316 -24.57 19.65 14.39
C LEU C 316 -25.46 19.07 13.29
N SER C 317 -25.98 19.91 12.40
CA SER C 317 -26.84 19.41 11.33
C SER C 317 -26.05 18.72 10.23
N VAL C 318 -24.82 19.17 9.97
CA VAL C 318 -24.03 18.55 8.92
C VAL C 318 -23.37 17.27 9.43
N LEU C 319 -22.60 17.36 10.52
CA LEU C 319 -21.88 16.19 11.00
C LEU C 319 -22.82 15.19 11.67
N GLY C 320 -23.75 15.66 12.47
CA GLY C 320 -24.63 14.80 13.23
C GLY C 320 -24.39 14.93 14.72
N VAL C 321 -25.26 14.25 15.47
CA VAL C 321 -25.15 14.26 16.94
C VAL C 321 -23.87 13.56 17.37
N THR C 322 -23.57 12.41 16.77
CA THR C 322 -22.34 11.66 17.06
C THR C 322 -21.49 11.47 15.83
N GLY C 323 -21.65 12.32 14.83
CA GLY C 323 -20.88 12.20 13.59
C GLY C 323 -21.20 10.95 12.79
N SER C 324 -22.48 10.62 12.64
CA SER C 324 -22.90 9.42 11.93
C SER C 324 -23.87 9.73 10.81
N ARG C 325 -23.70 10.89 10.15
CA ARG C 325 -24.57 11.27 9.05
C ARG C 325 -23.89 10.94 7.74
N PRO C 326 -24.46 10.07 6.91
CA PRO C 326 -23.81 9.69 5.64
C PRO C 326 -24.11 10.68 4.53
N CYS C 327 -23.67 10.33 3.31
CA CYS C 327 -23.89 11.12 2.11
C CYS C 327 -23.32 12.53 2.23
N CYS C 328 -23.86 13.47 1.46
CA CYS C 328 -23.38 14.85 1.49
C CYS C 328 -24.44 15.82 2.02
N ARG C 329 -25.61 15.87 1.40
CA ARG C 329 -26.69 16.81 1.73
C ARG C 329 -26.16 18.25 1.75
N VAL C 330 -25.71 18.70 0.58
CA VAL C 330 -24.97 19.94 0.47
C VAL C 330 -25.73 21.03 -0.27
N PHE C 331 -26.80 20.69 -0.99
CA PHE C 331 -27.52 21.69 -1.78
C PHE C 331 -28.16 22.74 -0.90
N ALA C 332 -28.70 22.34 0.25
CA ALA C 332 -29.36 23.28 1.14
C ALA C 332 -28.38 24.07 2.00
N LEU C 333 -27.09 23.74 1.95
CA LEU C 333 -26.10 24.46 2.75
C LEU C 333 -25.46 25.60 1.98
N THR C 334 -25.11 25.38 0.71
CA THR C 334 -24.41 26.40 -0.07
C THR C 334 -25.31 27.56 -0.46
N VAL C 335 -26.63 27.41 -0.36
CA VAL C 335 -27.53 28.53 -0.67
C VAL C 335 -27.76 29.39 0.56
N LEU C 336 -27.95 28.78 1.72
CA LEU C 336 -28.15 29.49 2.98
C LEU C 336 -26.83 29.83 3.66
N GLU C 337 -25.72 29.50 3.06
CA GLU C 337 -24.42 29.68 3.69
C GLU C 337 -23.45 30.48 2.85
N PHE C 338 -23.55 30.40 1.53
CA PHE C 338 -22.67 31.12 0.62
C PHE C 338 -23.43 32.00 -0.36
N LEU C 339 -24.55 31.52 -0.91
CA LEU C 339 -25.28 32.32 -1.89
C LEU C 339 -26.05 33.45 -1.22
N LEU C 340 -26.61 33.21 -0.03
CA LEU C 340 -27.39 34.24 0.65
C LEU C 340 -26.54 35.42 1.12
N PRO C 341 -25.39 35.24 1.80
CA PRO C 341 -24.57 36.42 2.12
C PRO C 341 -24.02 37.11 0.90
N LEU C 342 -23.68 36.35 -0.14
CA LEU C 342 -23.22 36.96 -1.39
C LEU C 342 -24.31 37.81 -2.01
N LEU C 343 -25.55 37.32 -2.00
CA LEU C 343 -26.66 38.09 -2.53
C LEU C 343 -26.92 39.35 -1.71
N VAL C 344 -26.81 39.24 -0.38
CA VAL C 344 -27.03 40.41 0.48
C VAL C 344 -25.98 41.48 0.21
N ILE C 345 -24.71 41.07 0.14
CA ILE C 345 -23.64 42.04 -0.09
C ILE C 345 -23.72 42.61 -1.49
N SER C 346 -24.10 41.78 -2.48
CA SER C 346 -24.24 42.25 -3.84
C SER C 346 -25.38 43.26 -3.97
N VAL C 347 -26.52 43.01 -3.34
CA VAL C 347 -27.62 43.96 -3.44
C VAL C 347 -27.29 45.24 -2.68
N PHE C 348 -26.52 45.15 -1.59
CA PHE C 348 -26.14 46.36 -0.87
C PHE C 348 -25.17 47.20 -1.68
N THR C 349 -24.17 46.58 -2.30
CA THR C 349 -23.23 47.35 -3.12
C THR C 349 -23.90 47.85 -4.40
N GLY C 350 -24.92 47.12 -4.90
CA GLY C 350 -25.70 47.65 -6.01
C GLY C 350 -26.51 48.86 -5.63
N ARG C 351 -27.10 48.84 -4.43
CA ARG C 351 -27.83 50.02 -3.95
C ARG C 351 -26.88 51.20 -3.76
N ILE C 352 -25.68 50.94 -3.24
CA ILE C 352 -24.70 52.02 -3.06
C ILE C 352 -24.28 52.59 -4.40
N MET C 353 -24.03 51.72 -5.39
CA MET C 353 -23.64 52.18 -6.72
C MET C 353 -24.77 52.96 -7.39
N CYS C 354 -26.01 52.50 -7.23
CA CYS C 354 -27.15 53.21 -7.81
C CYS C 354 -27.33 54.59 -7.16
N ALA C 355 -27.15 54.67 -5.85
CA ALA C 355 -27.24 55.96 -5.17
C ALA C 355 -26.09 56.88 -5.60
N LEU C 356 -24.90 56.32 -5.80
CA LEU C 356 -23.76 57.15 -6.19
C LEU C 356 -23.87 57.64 -7.63
N SER C 357 -24.48 56.85 -8.51
CA SER C 357 -24.60 57.25 -9.91
C SER C 357 -25.57 58.42 -10.06
N ARG C 358 -26.63 58.44 -9.28
CA ARG C 358 -27.59 59.53 -9.35
C ARG C 358 -26.98 60.80 -8.76
N PRO C 359 -26.98 61.91 -9.50
CA PRO C 359 -26.39 63.15 -8.98
C PRO C 359 -27.26 63.76 -7.90
N GLY C 360 -26.63 64.60 -7.08
CA GLY C 360 -27.32 65.27 -5.99
C GLY C 360 -26.81 64.86 -4.62
N LEU C 361 -25.53 64.51 -4.54
CA LEU C 361 -24.90 64.08 -3.29
C LEU C 361 -23.80 65.06 -2.93
N LEU C 362 -23.81 65.53 -1.69
CA LEU C 362 -22.79 66.44 -1.20
C LEU C 362 -21.52 65.66 -0.86
N HIS C 363 -20.40 66.39 -0.75
CA HIS C 363 -19.08 65.77 -0.88
C HIS C 363 -18.76 64.78 0.24
N GLN C 364 -19.15 65.07 1.49
CA GLN C 364 -18.82 64.13 2.55
C GLN C 364 -19.74 62.92 2.53
N GLY C 365 -20.99 63.11 2.11
CA GLY C 365 -21.86 61.97 1.87
C GLY C 365 -21.32 61.08 0.76
N ARG C 366 -20.81 61.69 -0.31
CA ARG C 366 -20.19 60.92 -1.39
C ARG C 366 -18.96 60.18 -0.90
N GLN C 367 -18.16 60.82 -0.04
CA GLN C 367 -16.99 60.16 0.53
C GLN C 367 -17.39 58.94 1.38
N ARG C 368 -18.43 59.10 2.19
CA ARG C 368 -18.91 57.97 3.00
C ARG C 368 -19.43 56.85 2.12
N ARG C 369 -20.17 57.20 1.05
CA ARG C 369 -20.71 56.18 0.15
C ARG C 369 -19.59 55.43 -0.56
N VAL C 370 -18.55 56.14 -1.02
CA VAL C 370 -17.48 55.44 -1.73
C VAL C 370 -16.63 54.63 -0.75
N ARG C 371 -16.51 55.07 0.51
CA ARG C 371 -15.82 54.26 1.50
C ARG C 371 -16.58 52.95 1.76
N ALA C 372 -17.92 53.05 1.84
CA ALA C 372 -18.73 51.84 1.93
C ALA C 372 -18.56 50.97 0.70
N MET C 373 -18.39 51.60 -0.47
CA MET C 373 -18.13 50.83 -1.70
C MET C 373 -16.83 50.04 -1.59
N GLN C 374 -15.76 50.67 -1.10
CA GLN C 374 -14.50 49.95 -0.95
C GLN C 374 -14.65 48.80 0.05
N LEU C 375 -15.34 49.04 1.16
CA LEU C 375 -15.51 47.97 2.15
C LEU C 375 -16.30 46.80 1.57
N LEU C 376 -17.42 47.10 0.90
CA LEU C 376 -18.25 46.05 0.34
C LEU C 376 -17.53 45.29 -0.76
N LEU C 377 -16.77 45.99 -1.60
CA LEU C 377 -16.05 45.32 -2.68
C LEU C 377 -14.91 44.47 -2.13
N THR C 378 -14.25 44.92 -1.06
CA THR C 378 -13.21 44.11 -0.45
C THR C 378 -13.79 42.83 0.14
N VAL C 379 -14.93 42.94 0.83
CA VAL C 379 -15.56 41.74 1.38
C VAL C 379 -16.05 40.83 0.26
N LEU C 380 -16.52 41.41 -0.85
CA LEU C 380 -16.94 40.61 -1.99
C LEU C 380 -15.77 39.86 -2.61
N ILE C 381 -14.61 40.51 -2.71
CA ILE C 381 -13.43 39.86 -3.25
C ILE C 381 -12.99 38.73 -2.34
N ILE C 382 -13.03 38.95 -1.03
CA ILE C 382 -12.68 37.89 -0.08
C ILE C 382 -13.64 36.71 -0.22
N PHE C 383 -14.93 37.00 -0.37
CA PHE C 383 -15.93 35.94 -0.56
C PHE C 383 -15.65 35.15 -1.83
N LEU C 384 -15.36 35.86 -2.93
CA LEU C 384 -15.21 35.22 -4.23
C LEU C 384 -13.87 34.54 -4.41
N VAL C 385 -12.89 34.84 -3.57
CA VAL C 385 -11.58 34.21 -3.67
C VAL C 385 -11.42 33.08 -2.67
N CYS C 386 -11.71 33.33 -1.40
CA CYS C 386 -11.39 32.38 -0.35
C CYS C 386 -12.49 31.36 -0.08
N PHE C 387 -13.68 31.53 -0.66
CA PHE C 387 -14.78 30.61 -0.38
C PHE C 387 -15.47 30.06 -1.62
N THR C 388 -15.30 30.68 -2.79
CA THR C 388 -15.91 30.14 -4.01
C THR C 388 -15.42 28.74 -4.38
N PRO C 389 -14.11 28.41 -4.35
CA PRO C 389 -13.72 27.04 -4.74
C PRO C 389 -14.31 25.94 -3.87
N PHE C 390 -14.49 26.18 -2.57
CA PHE C 390 -15.05 25.15 -1.70
C PHE C 390 -16.48 24.80 -2.10
N HIS C 391 -17.32 25.82 -2.29
CA HIS C 391 -18.70 25.56 -2.65
C HIS C 391 -18.83 25.11 -4.10
N ALA C 392 -17.92 25.55 -4.97
CA ALA C 392 -17.92 25.05 -6.34
C ALA C 392 -17.59 23.57 -6.39
N ARG C 393 -16.61 23.13 -5.59
CA ARG C 393 -16.30 21.71 -5.50
C ARG C 393 -17.46 20.93 -4.89
N GLN C 394 -18.11 21.51 -3.88
CA GLN C 394 -19.24 20.84 -3.25
C GLN C 394 -20.41 20.68 -4.21
N VAL C 395 -20.63 21.67 -5.08
CA VAL C 395 -21.68 21.56 -6.08
C VAL C 395 -21.30 20.55 -7.16
N ALA C 396 -20.04 20.59 -7.61
CA ALA C 396 -19.62 19.72 -8.71
C ALA C 396 -19.51 18.26 -8.27
N VAL C 397 -19.28 18.00 -6.99
CA VAL C 397 -19.20 16.62 -6.52
C VAL C 397 -20.58 15.98 -6.47
N ALA C 398 -21.65 16.76 -6.53
CA ALA C 398 -23.01 16.24 -6.57
C ALA C 398 -23.62 16.28 -7.96
N LEU C 399 -23.40 17.37 -8.71
CA LEU C 399 -23.93 17.45 -10.07
C LEU C 399 -23.12 16.62 -11.05
N TRP C 400 -21.83 16.41 -10.77
CA TRP C 400 -20.93 15.70 -11.68
C TRP C 400 -20.17 14.62 -10.90
N PRO C 401 -20.82 13.49 -10.61
CA PRO C 401 -20.10 12.38 -9.95
C PRO C 401 -19.18 11.62 -10.89
N ASP C 402 -19.27 11.87 -12.20
CA ASP C 402 -18.41 11.25 -13.19
C ASP C 402 -16.97 11.77 -13.05
N MET C 403 -16.82 12.93 -12.42
CA MET C 403 -15.53 13.63 -12.32
C MET C 403 -14.46 12.73 -11.70
N PRO C 404 -13.24 12.73 -12.26
CA PRO C 404 -12.21 11.81 -11.78
C PRO C 404 -11.82 12.07 -10.32
N HIS C 405 -11.38 11.00 -9.66
CA HIS C 405 -11.16 11.04 -8.21
C HIS C 405 -9.94 11.88 -7.85
N HIS C 406 -8.86 11.79 -8.64
CA HIS C 406 -7.67 12.57 -8.35
C HIS C 406 -7.95 14.07 -8.46
N THR C 407 -8.72 14.46 -9.48
CA THR C 407 -9.11 15.85 -9.63
C THR C 407 -9.94 16.33 -8.45
N SER C 408 -10.86 15.49 -7.99
CA SER C 408 -11.68 15.84 -6.83
C SER C 408 -10.83 16.03 -5.58
N LEU C 409 -9.86 15.14 -5.36
CA LEU C 409 -9.01 15.23 -4.18
C LEU C 409 -8.15 16.50 -4.22
N VAL C 410 -7.53 16.77 -5.37
CA VAL C 410 -6.67 17.95 -5.48
C VAL C 410 -7.48 19.23 -5.34
N VAL C 411 -8.64 19.29 -5.98
CA VAL C 411 -9.48 20.49 -5.91
C VAL C 411 -10.00 20.70 -4.50
N TYR C 412 -10.37 19.63 -3.80
CA TYR C 412 -10.81 19.74 -2.42
C TYR C 412 -9.72 20.30 -1.53
N HIS C 413 -8.49 19.79 -1.69
CA HIS C 413 -7.42 20.26 -0.81
C HIS C 413 -7.03 21.70 -1.13
N VAL C 414 -7.05 22.09 -2.41
CA VAL C 414 -6.77 23.47 -2.77
C VAL C 414 -7.86 24.40 -2.21
N ALA C 415 -9.12 23.96 -2.27
CA ALA C 415 -10.21 24.75 -1.73
C ALA C 415 -10.10 24.91 -0.21
N VAL C 416 -9.69 23.84 0.47
CA VAL C 416 -9.47 23.94 1.92
C VAL C 416 -8.33 24.91 2.22
N THR C 417 -7.28 24.87 1.40
CA THR C 417 -6.17 25.80 1.59
C THR C 417 -6.61 27.25 1.42
N LEU C 418 -7.46 27.52 0.43
CA LEU C 418 -7.95 28.89 0.24
C LEU C 418 -8.90 29.31 1.36
N SER C 419 -9.75 28.39 1.83
CA SER C 419 -10.64 28.68 2.95
C SER C 419 -9.83 28.99 4.21
N SER C 420 -8.67 28.37 4.36
CA SER C 420 -7.78 28.74 5.46
C SER C 420 -7.07 30.05 5.19
N LEU C 421 -6.77 30.35 3.91
CA LEU C 421 -6.18 31.63 3.53
C LEU C 421 -7.10 32.79 3.84
N ASN C 422 -8.41 32.54 3.95
CA ASN C 422 -9.35 33.57 4.40
C ASN C 422 -8.92 34.18 5.73
N SER C 423 -8.35 33.38 6.63
CA SER C 423 -7.92 33.89 7.93
C SER C 423 -6.81 34.93 7.78
N CYS C 424 -5.87 34.70 6.88
CA CYS C 424 -4.81 35.67 6.64
C CYS C 424 -5.29 36.87 5.84
N MET C 425 -6.25 36.67 4.95
CA MET C 425 -6.73 37.76 4.10
C MET C 425 -7.80 38.62 4.76
N ASN C 426 -8.38 38.18 5.87
CA ASN C 426 -9.40 38.98 6.55
C ASN C 426 -8.95 40.36 7.04
N PRO C 427 -7.75 40.57 7.65
CA PRO C 427 -7.48 41.86 8.30
C PRO C 427 -7.44 43.11 7.42
N ILE C 428 -7.75 42.99 6.13
CA ILE C 428 -7.96 44.21 5.33
C ILE C 428 -9.21 44.94 5.79
N VAL C 429 -10.20 44.22 6.32
CA VAL C 429 -11.43 44.83 6.79
C VAL C 429 -11.18 45.70 8.02
N TYR C 430 -10.18 45.35 8.83
CA TYR C 430 -9.95 46.09 10.08
C TYR C 430 -9.46 47.50 9.82
N CYS C 431 -8.87 47.75 8.64
CA CYS C 431 -8.51 49.12 8.27
C CYS C 431 -9.76 49.96 8.05
N PHE C 432 -10.82 49.36 7.50
CA PHE C 432 -12.07 50.08 7.30
C PHE C 432 -12.87 50.20 8.59
N VAL C 433 -12.74 49.23 9.49
CA VAL C 433 -13.55 49.23 10.71
C VAL C 433 -13.14 50.37 11.63
N THR C 434 -11.84 50.52 11.87
CA THR C 434 -11.33 51.54 12.79
C THR C 434 -10.15 52.27 12.14
N SER C 435 -9.76 53.38 12.76
CA SER C 435 -8.63 54.17 12.30
C SER C 435 -7.36 53.95 13.11
N GLY C 436 -7.45 53.27 14.24
CA GLY C 436 -6.29 53.07 15.08
C GLY C 436 -5.43 51.89 14.70
N PHE C 437 -5.95 51.00 13.86
CA PHE C 437 -5.24 49.79 13.48
C PHE C 437 -3.93 50.12 12.76
N GLN C 438 -4.00 50.99 11.75
CA GLN C 438 -2.79 51.41 11.06
C GLN C 438 -1.90 52.25 11.97
N ALA C 439 -2.48 52.94 12.95
CA ALA C 439 -1.68 53.72 13.89
C ALA C 439 -0.78 52.81 14.73
N THR C 440 -1.35 51.76 15.32
CA THR C 440 -0.50 50.82 16.06
C THR C 440 0.37 49.99 15.14
N VAL C 441 -0.03 49.77 13.88
CA VAL C 441 0.87 49.13 12.93
C VAL C 441 2.11 49.98 12.70
N ARG C 442 1.92 51.30 12.53
CA ARG C 442 3.04 52.21 12.39
C ARG C 442 3.89 52.26 13.65
N GLY C 443 3.23 52.21 14.82
CA GLY C 443 3.98 52.18 16.07
C GLY C 443 4.83 50.94 16.22
N LEU C 444 4.28 49.78 15.85
CA LEU C 444 5.05 48.54 15.89
C LEU C 444 6.19 48.57 14.88
N PHE C 445 5.95 49.13 13.70
CA PHE C 445 7.02 49.26 12.71
C PHE C 445 8.14 50.17 13.20
N GLY C 446 7.78 51.27 13.87
CA GLY C 446 8.80 52.15 14.42
C GLY C 446 9.57 51.50 15.56
N GLN C 447 8.88 50.71 16.38
CA GLN C 447 9.57 49.98 17.44
C GLN C 447 10.52 48.92 16.87
N HIS C 448 10.08 48.24 15.81
CA HIS C 448 10.95 47.25 15.16
C HIS C 448 12.15 47.90 14.50
N GLY C 449 11.97 49.07 13.88
CA GLY C 449 13.08 49.75 13.24
C GLY C 449 14.10 50.26 14.24
N HIS C 450 13.65 50.72 15.40
CA HIS C 450 14.55 51.22 16.43
C HIS C 450 14.52 50.34 17.67
#